data_9C1D
#
_entry.id   9C1D
#
_cell.length_a   106.183
_cell.length_b   106.183
_cell.length_c   259.679
_cell.angle_alpha   90.00
_cell.angle_beta   90.00
_cell.angle_gamma   90.00
#
_symmetry.space_group_name_H-M   'P 41 21 2'
#
loop_
_entity.id
_entity.type
_entity.pdbx_description
1 polymer 'Polyketide synthase Pks13'
2 non-polymer 'DIMETHYL SULFOXIDE'
3 non-polymer 'SULFATE ION'
4 non-polymer 3,6,9,12,15,18,21,24-OCTAOXAHEXACOSAN-1-OL
5 non-polymer 1,2-ETHANEDIOL
6 non-polymer DI(HYDROXYETHYL)ETHER
7 non-polymer GLYCEROL
8 non-polymer 'CHLORIDE ION'
9 non-polymer 'SODIUM ION'
10 non-polymer 3,6,9,12,15,18-HEXAOXAICOSANE-1,20-DIOL
11 water water
#
_entity_poly.entity_id   1
_entity_poly.type   'polypeptide(L)'
_entity_poly.pdbx_seq_one_letter_code
;SNARFDEFGNIITDSAVAEEPEPELPGVTEEALRLKEAALEELAAQEVTAPLVPLAVSAFLTSRKKAAAAELADWMQSPE
GQASSLESIGRSLSRRNHGRSRAVVLAHDHDEAIKGLRAVAAGKQAPNVFSVDGPVTTGPVWVLAGFGAQHRKMGKSLYL
RNEVFAAWIEKVDALVQDELGYSVLELILDDAQDYGIETTQVTIFAIQIALGELLRHHGAKPAAVIGQSLGEAASAYFAG
GLSLRDATRAICSRSHLMGEGEAMLFGEYIRLMALVEYSADEIREVFSDFPDLEVCVYAAPTQTVIGGPPEQVDAILARA
EAEGKFARKFATKGASHTSQMDPLLGELTAELQGIKPTSPTCGIFSTVHEGRYIKPGGEPIHDVEYWKKGLRHSVYFTHG
IRNAVDSGHTTFLELAPNPVALMQVALTTADAGLHDAQLIPTLARKQDEVSSMVSTMAQLYVYGHDLDIRTLFSRASGPQ
DYANIPPTRFK
;
_entity_poly.pdbx_strand_id   A,B,C
#
loop_
_chem_comp.id
_chem_comp.type
_chem_comp.name
_chem_comp.formula
CL non-polymer 'CHLORIDE ION' 'Cl -1'
DMS non-polymer 'DIMETHYL SULFOXIDE' 'C2 H6 O S'
EDO non-polymer 1,2-ETHANEDIOL 'C2 H6 O2'
GOL non-polymer GLYCEROL 'C3 H8 O3'
NA non-polymer 'SODIUM ION' 'Na 1'
P33 non-polymer 3,6,9,12,15,18-HEXAOXAICOSANE-1,20-DIOL 'C14 H30 O8'
PE5 non-polymer 3,6,9,12,15,18,21,24-OCTAOXAHEXACOSAN-1-OL 'C18 H38 O9'
PEG non-polymer DI(HYDROXYETHYL)ETHER 'C4 H10 O3'
SO4 non-polymer 'SULFATE ION' 'O4 S -2'
#
# COMPACT_ATOMS: atom_id res chain seq x y z
N GLU A 24 -31.20 34.01 28.90
CA GLU A 24 -30.01 33.16 28.98
C GLU A 24 -29.87 32.28 27.74
N LEU A 25 -28.84 31.44 27.72
CA LEU A 25 -28.59 30.59 26.56
C LEU A 25 -29.62 29.46 26.49
N PRO A 26 -29.99 29.02 25.29
CA PRO A 26 -30.96 27.94 25.16
C PRO A 26 -30.45 26.66 25.81
N GLY A 27 -31.38 25.89 26.37
CA GLY A 27 -31.04 24.62 26.95
C GLY A 27 -31.02 23.52 25.91
N VAL A 28 -30.69 22.31 26.37
CA VAL A 28 -30.76 21.15 25.50
C VAL A 28 -32.20 20.98 25.03
N THR A 29 -32.37 20.81 23.72
CA THR A 29 -33.71 20.70 23.16
C THR A 29 -34.39 19.41 23.61
N GLU A 30 -35.72 19.42 23.54
CA GLU A 30 -36.49 18.21 23.87
C GLU A 30 -36.12 17.06 22.96
N GLU A 31 -35.90 17.35 21.66
CA GLU A 31 -35.54 16.28 20.72
C GLU A 31 -34.17 15.71 21.05
N ALA A 32 -33.21 16.56 21.42
CA ALA A 32 -31.92 16.04 21.84
C ALA A 32 -32.06 15.14 23.07
N LEU A 33 -32.90 15.53 24.02
CA LEU A 33 -33.12 14.68 25.19
C LEU A 33 -33.78 13.36 24.80
N ARG A 34 -34.72 13.41 23.87
CA ARG A 34 -35.34 12.17 23.39
C ARG A 34 -34.31 11.27 22.72
N LEU A 35 -33.50 11.83 21.82
CA LEU A 35 -32.46 11.03 21.17
C LEU A 35 -31.46 10.51 22.19
N LYS A 36 -31.13 11.32 23.20
CA LYS A 36 -30.17 10.88 24.20
C LYS A 36 -30.70 9.69 24.99
N GLU A 37 -31.98 9.75 25.39
CA GLU A 37 -32.59 8.64 26.10
C GLU A 37 -32.54 7.35 25.27
N ALA A 38 -32.86 7.45 23.97
CA ALA A 38 -32.80 6.27 23.12
C ALA A 38 -31.38 5.74 23.01
N ALA A 39 -30.41 6.63 22.79
CA ALA A 39 -29.02 6.19 22.64
C ALA A 39 -28.51 5.54 23.93
N LEU A 40 -28.90 6.06 25.08
CA LEU A 40 -28.48 5.46 26.34
C LEU A 40 -29.09 4.09 26.55
N GLU A 41 -30.33 3.87 26.06
CA GLU A 41 -30.91 2.54 26.15
C GLU A 41 -30.20 1.56 25.25
N GLU A 42 -29.89 1.97 24.01
CA GLU A 42 -29.11 1.12 23.11
C GLU A 42 -27.74 0.82 23.69
N LEU A 43 -27.09 1.84 24.26
CA LEU A 43 -25.77 1.63 24.84
C LEU A 43 -25.81 0.63 25.99
N ALA A 44 -26.82 0.72 26.84
CA ALA A 44 -26.92 -0.17 27.98
C ALA A 44 -27.21 -1.62 27.57
N ALA A 45 -27.72 -1.83 26.35
CA ALA A 45 -28.05 -3.16 25.89
C ALA A 45 -26.88 -3.89 25.24
N GLN A 46 -25.78 -3.19 24.96
CA GLN A 46 -24.62 -3.83 24.37
C GLN A 46 -23.83 -4.60 25.43
N GLU A 47 -22.99 -5.52 24.96
CA GLU A 47 -22.03 -6.15 25.85
C GLU A 47 -21.04 -5.12 26.35
N VAL A 48 -20.69 -5.21 27.63
CA VAL A 48 -19.68 -4.32 28.18
C VAL A 48 -18.31 -4.79 27.70
N THR A 49 -17.55 -3.88 27.11
CA THR A 49 -16.17 -4.14 26.72
C THR A 49 -15.22 -3.64 27.81
N ALA A 50 -14.14 -4.37 28.01
CA ALA A 50 -13.16 -3.97 29.02
C ALA A 50 -12.54 -2.63 28.64
N PRO A 51 -12.46 -1.68 29.55
CA PRO A 51 -11.84 -0.39 29.22
C PRO A 51 -10.34 -0.52 29.02
N LEU A 52 -9.78 0.45 28.32
CA LEU A 52 -8.34 0.55 28.14
C LEU A 52 -7.75 1.28 29.34
N VAL A 53 -6.80 0.65 30.03
CA VAL A 53 -6.23 1.18 31.25
C VAL A 53 -4.78 1.57 31.00
N PRO A 54 -4.37 2.81 31.33
CA PRO A 54 -2.96 3.18 31.18
C PRO A 54 -2.13 2.83 32.41
N LEU A 55 -1.07 2.06 32.23
CA LEU A 55 -0.16 1.68 33.30
C LEU A 55 1.17 2.39 33.06
N ALA A 56 1.45 3.40 33.88
CA ALA A 56 2.65 4.20 33.75
C ALA A 56 3.75 3.69 34.68
N VAL A 57 4.97 3.60 34.15
CA VAL A 57 6.16 3.31 34.94
C VAL A 57 7.24 4.31 34.55
N SER A 58 8.01 4.78 35.54
CA SER A 58 9.01 5.79 35.24
C SER A 58 10.14 5.72 36.25
N ALA A 59 11.26 6.35 35.88
CA ALA A 59 12.44 6.47 36.72
C ALA A 59 13.37 7.50 36.10
N PHE A 60 14.33 7.96 36.90
CA PHE A 60 15.32 8.89 36.35
C PHE A 60 16.18 8.23 35.27
N LEU A 61 16.44 6.93 35.40
CA LEU A 61 17.26 6.19 34.47
C LEU A 61 16.43 5.15 33.74
N THR A 62 16.67 5.00 32.44
CA THR A 62 15.94 4.01 31.65
C THR A 62 16.15 2.60 32.18
N SER A 63 17.36 2.30 32.70
CA SER A 63 17.62 0.98 33.25
C SER A 63 16.77 0.72 34.49
N ARG A 64 16.58 1.73 35.33
CA ARG A 64 15.69 1.57 36.48
C ARG A 64 14.23 1.45 36.04
N LYS A 65 13.84 2.18 34.99
CA LYS A 65 12.49 2.06 34.47
C LYS A 65 12.23 0.64 33.95
N LYS A 66 13.19 0.09 33.19
CA LYS A 66 13.05 -1.27 32.70
C LYS A 66 12.94 -2.27 33.85
N ALA A 67 13.71 -2.04 34.93
CA ALA A 67 13.63 -2.92 36.08
C ALA A 67 12.29 -2.79 36.79
N ALA A 68 11.79 -1.57 36.94
CA ALA A 68 10.46 -1.38 37.53
C ALA A 68 9.39 -2.07 36.69
N ALA A 69 9.50 -2.00 35.36
CA ALA A 69 8.55 -2.67 34.49
C ALA A 69 8.58 -4.18 34.70
N ALA A 70 9.79 -4.76 34.78
CA ALA A 70 9.91 -6.21 34.97
C ALA A 70 9.38 -6.65 36.32
N GLU A 71 9.62 -5.86 37.37
CA GLU A 71 9.12 -6.22 38.69
C GLU A 71 7.61 -6.12 38.76
N LEU A 72 7.03 -5.09 38.13
CA LEU A 72 5.57 -4.99 38.08
C LEU A 72 4.96 -6.18 37.34
N ALA A 73 5.60 -6.60 36.25
CA ALA A 73 5.10 -7.75 35.50
C ALA A 73 5.16 -9.02 36.33
N ASP A 74 6.27 -9.23 37.05
CA ASP A 74 6.37 -10.39 37.92
C ASP A 74 5.26 -10.42 38.95
N TRP A 75 5.05 -9.29 39.63
CA TRP A 75 4.01 -9.22 40.65
C TRP A 75 2.63 -9.43 40.05
N MET A 76 2.38 -8.87 38.85
CA MET A 76 1.08 -9.02 38.22
C MET A 76 0.77 -10.47 37.84
N GLN A 77 1.79 -11.31 37.65
CA GLN A 77 1.57 -12.72 37.40
C GLN A 77 1.33 -13.52 38.69
N SER A 78 1.62 -12.96 39.85
CA SER A 78 1.38 -13.65 41.10
C SER A 78 -0.13 -13.69 41.38
N PRO A 79 -0.57 -14.62 42.23
CA PRO A 79 -2.01 -14.63 42.57
C PRO A 79 -2.49 -13.33 43.18
N GLU A 80 -1.67 -12.67 44.00
CA GLU A 80 -2.10 -11.37 44.54
C GLU A 80 -2.26 -10.34 43.43
N GLY A 81 -1.33 -10.33 42.47
CA GLY A 81 -1.45 -9.39 41.36
C GLY A 81 -2.59 -9.73 40.43
N GLN A 82 -2.85 -11.03 40.22
CA GLN A 82 -3.97 -11.43 39.39
C GLN A 82 -5.31 -11.06 40.01
N ALA A 83 -5.37 -11.01 41.35
CA ALA A 83 -6.61 -10.65 42.04
C ALA A 83 -6.89 -9.16 42.06
N SER A 84 -5.96 -8.33 41.57
CA SER A 84 -6.10 -6.89 41.61
C SER A 84 -6.52 -6.37 40.24
N SER A 85 -7.54 -5.52 40.21
CA SER A 85 -8.03 -4.98 38.94
C SER A 85 -6.96 -4.11 38.28
N LEU A 86 -6.97 -4.09 36.95
CA LEU A 86 -6.07 -3.19 36.22
C LEU A 86 -6.25 -1.76 36.68
N GLU A 87 -7.50 -1.36 36.97
CA GLU A 87 -7.77 0.02 37.36
C GLU A 87 -7.10 0.37 38.68
N SER A 88 -7.06 -0.57 39.63
CA SER A 88 -6.40 -0.28 40.90
C SER A 88 -4.89 -0.27 40.73
N ILE A 89 -4.37 -1.14 39.86
CA ILE A 89 -2.94 -1.11 39.54
C ILE A 89 -2.58 0.22 38.89
N GLY A 90 -3.39 0.66 37.93
CA GLY A 90 -3.11 1.91 37.25
C GLY A 90 -3.22 3.12 38.17
N ARG A 91 -4.22 3.11 39.05
CA ARG A 91 -4.39 4.23 39.98
C ARG A 91 -3.20 4.35 40.93
N SER A 92 -2.67 3.22 41.40
CA SER A 92 -1.50 3.25 42.27
C SER A 92 -0.27 3.71 41.50
N LEU A 93 -0.07 3.19 40.28
CA LEU A 93 1.05 3.66 39.45
C LEU A 93 0.95 5.15 39.20
N SER A 94 -0.26 5.68 39.04
CA SER A 94 -0.44 7.10 38.73
C SER A 94 0.03 8.00 39.86
N ARG A 95 0.16 7.48 41.08
CA ARG A 95 0.53 8.30 42.22
C ARG A 95 2.04 8.32 42.48
N ARG A 96 2.81 7.52 41.76
CA ARG A 96 4.26 7.54 41.91
C ARG A 96 4.84 8.86 41.42
N ASN A 97 6.11 9.09 41.74
CA ASN A 97 6.84 10.19 41.14
C ASN A 97 7.15 9.86 39.69
N HIS A 98 6.82 10.78 38.80
CA HIS A 98 6.93 10.54 37.36
C HIS A 98 8.25 11.12 36.89
N GLY A 99 9.22 10.24 36.67
CA GLY A 99 10.59 10.66 36.42
C GLY A 99 10.84 11.04 34.97
N ARG A 100 12.13 11.14 34.67
CA ARG A 100 12.59 11.60 33.37
C ARG A 100 12.34 10.55 32.29
N SER A 101 12.68 9.30 32.57
CA SER A 101 12.42 8.21 31.64
C SER A 101 11.05 7.62 31.94
N ARG A 102 10.16 7.61 30.95
CA ARG A 102 8.76 7.23 31.16
C ARG A 102 8.33 6.16 30.19
N ALA A 103 7.32 5.41 30.60
CA ALA A 103 6.69 4.41 29.74
C ALA A 103 5.24 4.21 30.18
N VAL A 104 4.39 3.84 29.23
CA VAL A 104 2.99 3.51 29.50
C VAL A 104 2.62 2.26 28.73
N VAL A 105 1.94 1.34 29.39
CA VAL A 105 1.35 0.17 28.75
C VAL A 105 -0.16 0.37 28.76
N LEU A 106 -0.77 0.28 27.59
CA LEU A 106 -2.22 0.37 27.46
C LEU A 106 -2.76 -1.05 27.35
N ALA A 107 -3.60 -1.45 28.31
CA ALA A 107 -4.04 -2.84 28.37
C ALA A 107 -5.51 -2.91 28.76
N HIS A 108 -6.16 -3.98 28.29
CA HIS A 108 -7.52 -4.30 28.68
C HIS A 108 -7.60 -5.33 29.79
N ASP A 109 -6.61 -6.23 29.88
CA ASP A 109 -6.59 -7.29 30.87
C ASP A 109 -5.15 -7.50 31.34
N HIS A 110 -4.97 -8.45 32.27
CA HIS A 110 -3.64 -8.68 32.84
C HIS A 110 -2.67 -9.22 31.80
N ASP A 111 -3.15 -10.05 30.87
CA ASP A 111 -2.27 -10.65 29.88
C ASP A 111 -1.66 -9.60 28.97
N GLU A 112 -2.47 -8.64 28.50
CA GLU A 112 -1.93 -7.55 27.69
C GLU A 112 -0.97 -6.69 28.50
N ALA A 113 -1.30 -6.47 29.79
CA ALA A 113 -0.46 -5.64 30.63
C ALA A 113 0.91 -6.27 30.82
N ILE A 114 0.95 -7.55 31.19
CA ILE A 114 2.24 -8.23 31.40
C ILE A 114 3.02 -8.29 30.10
N LYS A 115 2.33 -8.58 28.98
CA LYS A 115 3.01 -8.65 27.70
C LYS A 115 3.63 -7.31 27.33
N GLY A 116 2.89 -6.21 27.54
CA GLY A 116 3.43 -4.91 27.24
C GLY A 116 4.54 -4.50 28.18
N LEU A 117 4.43 -4.87 29.45
CA LEU A 117 5.48 -4.55 30.41
C LEU A 117 6.77 -5.31 30.09
N ARG A 118 6.66 -6.56 29.61
CA ARG A 118 7.84 -7.29 29.16
C ARG A 118 8.52 -6.55 28.03
N ALA A 119 7.75 -5.99 27.10
CA ALA A 119 8.33 -5.22 26.01
C ALA A 119 9.04 -3.98 26.53
N VAL A 120 8.44 -3.30 27.52
CA VAL A 120 9.09 -2.15 28.13
C VAL A 120 10.42 -2.56 28.76
N ALA A 121 10.40 -3.66 29.52
CA ALA A 121 11.61 -4.09 30.23
C ALA A 121 12.71 -4.47 29.25
N ALA A 122 12.35 -5.15 28.16
CA ALA A 122 13.32 -5.59 27.15
C ALA A 122 13.62 -4.55 26.09
N GLY A 123 13.12 -3.32 26.26
CA GLY A 123 13.35 -2.29 25.27
C GLY A 123 12.74 -2.55 23.91
N LYS A 124 11.83 -3.51 23.80
CA LYS A 124 11.19 -3.82 22.53
C LYS A 124 9.93 -2.98 22.35
N GLN A 125 9.58 -2.74 21.09
CA GLN A 125 8.46 -1.88 20.75
C GLN A 125 7.19 -2.72 20.53
N ALA A 126 6.05 -2.11 20.81
CA ALA A 126 4.76 -2.78 20.72
C ALA A 126 3.68 -1.73 20.49
N PRO A 127 2.57 -2.09 19.84
CA PRO A 127 1.57 -1.08 19.51
C PRO A 127 0.95 -0.41 20.73
N ASN A 128 0.73 -1.15 21.81
CA ASN A 128 0.13 -0.61 23.02
C ASN A 128 1.17 -0.12 24.03
N VAL A 129 2.42 0.00 23.62
CA VAL A 129 3.51 0.43 24.49
C VAL A 129 4.12 1.71 23.96
N PHE A 130 4.35 2.68 24.85
CA PHE A 130 5.14 3.87 24.55
C PHE A 130 6.21 3.99 25.62
N SER A 131 7.45 4.24 25.21
CA SER A 131 8.58 4.29 26.12
C SER A 131 9.67 5.18 25.52
N VAL A 132 10.09 6.20 26.24
CA VAL A 132 11.14 7.11 25.80
C VAL A 132 12.09 7.39 26.94
N ASP A 133 13.33 7.76 26.58
CA ASP A 133 14.39 7.94 27.58
C ASP A 133 14.25 9.26 28.33
N GLY A 134 13.65 10.28 27.74
CA GLY A 134 13.51 11.56 28.39
C GLY A 134 12.42 12.42 27.77
N PRO A 135 12.22 13.62 28.31
CA PRO A 135 11.16 14.49 27.81
C PRO A 135 11.46 15.05 26.45
N VAL A 136 10.39 15.27 25.68
CA VAL A 136 10.47 16.10 24.50
C VAL A 136 10.72 17.55 24.92
N THR A 137 11.65 18.21 24.25
CA THR A 137 12.15 19.51 24.71
C THR A 137 11.12 20.63 24.52
N THR A 138 10.38 20.61 23.42
CA THR A 138 9.45 21.68 23.09
C THR A 138 8.00 21.22 23.25
N GLY A 139 7.13 22.16 23.62
CA GLY A 139 5.73 21.86 23.85
C GLY A 139 4.98 21.48 22.59
N PRO A 140 3.77 20.97 22.75
CA PRO A 140 3.04 20.41 21.60
C PRO A 140 2.34 21.47 20.78
N VAL A 141 2.23 21.20 19.49
CA VAL A 141 1.43 22.00 18.58
C VAL A 141 0.08 21.29 18.44
N TRP A 142 -0.99 21.99 18.81
CA TRP A 142 -2.34 21.49 18.62
C TRP A 142 -2.78 21.82 17.20
N VAL A 143 -3.15 20.80 16.44
CA VAL A 143 -3.57 20.95 15.05
C VAL A 143 -5.09 20.93 15.00
N LEU A 144 -5.66 22.05 14.54
CA LEU A 144 -7.11 22.23 14.41
C LEU A 144 -7.44 22.27 12.93
N ALA A 145 -7.75 21.11 12.37
CA ALA A 145 -8.12 21.01 10.96
C ALA A 145 -9.59 20.63 10.84
N GLY A 146 -9.89 19.51 10.18
CA GLY A 146 -11.25 18.99 10.10
C GLY A 146 -11.78 18.79 8.69
N PHE A 147 -11.24 19.48 7.69
CA PHE A 147 -11.71 19.32 6.32
C PHE A 147 -11.56 17.86 5.90
N GLY A 148 -12.67 17.25 5.48
CA GLY A 148 -12.66 15.87 5.04
C GLY A 148 -12.57 14.84 6.14
N ALA A 149 -12.79 15.21 7.40
CA ALA A 149 -12.69 14.27 8.51
C ALA A 149 -14.03 13.85 9.10
N GLN A 150 -15.12 14.50 8.71
CA GLN A 150 -16.40 14.18 9.33
C GLN A 150 -16.84 12.76 9.00
N HIS A 151 -17.60 12.17 9.92
CA HIS A 151 -18.29 10.91 9.66
C HIS A 151 -19.53 10.86 10.54
N ARG A 152 -20.44 9.95 10.18
CA ARG A 152 -21.83 10.03 10.64
C ARG A 152 -21.93 10.11 12.16
N LYS A 153 -21.27 9.20 12.86
CA LYS A 153 -21.47 9.07 14.31
C LYS A 153 -20.37 9.75 15.13
N MET A 154 -19.63 10.67 14.53
CA MET A 154 -18.51 11.30 15.22
C MET A 154 -18.96 11.99 16.50
N GLY A 155 -18.22 11.77 17.59
CA GLY A 155 -18.47 12.41 18.85
C GLY A 155 -19.57 11.82 19.70
N LYS A 156 -20.43 10.98 19.12
CA LYS A 156 -21.60 10.49 19.83
C LYS A 156 -21.20 9.64 21.03
N SER A 157 -20.29 8.69 20.82
CA SER A 157 -19.91 7.77 21.89
C SER A 157 -19.27 8.51 23.05
N LEU A 158 -18.38 9.47 22.74
CA LEU A 158 -17.70 10.21 23.81
C LEU A 158 -18.67 11.13 24.53
N TYR A 159 -19.63 11.72 23.79
CA TYR A 159 -20.65 12.55 24.44
C TYR A 159 -21.44 11.75 25.46
N LEU A 160 -21.74 10.50 25.14
CA LEU A 160 -22.59 9.70 26.03
C LEU A 160 -21.81 9.22 27.26
N ARG A 161 -20.50 9.07 27.13
CA ARG A 161 -19.71 8.38 28.13
C ARG A 161 -18.74 9.26 28.90
N ASN A 162 -18.55 10.53 28.51
CA ASN A 162 -17.62 11.42 29.20
C ASN A 162 -18.33 12.72 29.54
N GLU A 163 -18.43 13.00 30.85
CA GLU A 163 -19.28 14.12 31.28
C GLU A 163 -18.62 15.47 31.02
N VAL A 164 -17.29 15.53 31.00
CA VAL A 164 -16.62 16.81 30.72
C VAL A 164 -16.78 17.16 29.24
N PHE A 165 -16.49 16.20 28.36
CA PHE A 165 -16.74 16.38 26.93
C PHE A 165 -18.19 16.74 26.66
N ALA A 166 -19.12 16.04 27.32
CA ALA A 166 -20.54 16.32 27.11
C ALA A 166 -20.91 17.73 27.53
N ALA A 167 -20.33 18.22 28.64
CA ALA A 167 -20.65 19.56 29.10
C ALA A 167 -20.21 20.62 28.09
N TRP A 168 -19.05 20.40 27.45
CA TRP A 168 -18.56 21.36 26.47
C TRP A 168 -19.32 21.24 25.15
N ILE A 169 -19.70 20.03 24.74
CA ILE A 169 -20.60 19.89 23.59
C ILE A 169 -21.87 20.69 23.83
N GLU A 170 -22.45 20.58 25.03
CA GLU A 170 -23.71 21.26 25.28
C GLU A 170 -23.54 22.78 25.33
N LYS A 171 -22.37 23.27 25.74
CA LYS A 171 -22.12 24.70 25.73
C LYS A 171 -22.08 25.24 24.30
N VAL A 172 -21.34 24.58 23.41
CA VAL A 172 -21.32 25.00 22.01
C VAL A 172 -22.69 24.81 21.38
N ASP A 173 -23.37 23.71 21.71
CA ASP A 173 -24.72 23.50 21.20
C ASP A 173 -25.63 24.67 21.52
N ALA A 174 -25.53 25.19 22.75
CA ALA A 174 -26.36 26.31 23.16
C ALA A 174 -26.02 27.57 22.38
N LEU A 175 -24.72 27.81 22.15
CA LEU A 175 -24.30 28.98 21.40
C LEU A 175 -24.71 28.89 19.93
N VAL A 176 -24.59 27.70 19.33
CA VAL A 176 -24.97 27.56 17.93
C VAL A 176 -26.49 27.65 17.77
N GLN A 177 -27.24 27.15 18.74
CA GLN A 177 -28.68 27.41 18.75
C GLN A 177 -28.95 28.90 18.74
N ASP A 178 -28.22 29.66 19.56
CA ASP A 178 -28.43 31.09 19.64
C ASP A 178 -28.08 31.79 18.33
N GLU A 179 -27.03 31.31 17.65
CA GLU A 179 -26.57 31.96 16.43
C GLU A 179 -27.37 31.54 15.21
N LEU A 180 -27.58 30.24 15.02
CA LEU A 180 -28.14 29.71 13.79
C LEU A 180 -29.52 29.09 13.94
N GLY A 181 -29.95 28.77 15.16
CA GLY A 181 -31.31 28.33 15.39
C GLY A 181 -31.55 26.85 15.29
N TYR A 182 -30.51 26.01 15.33
CA TYR A 182 -30.70 24.57 15.40
C TYR A 182 -29.66 23.97 16.33
N SER A 183 -29.88 22.71 16.69
CA SER A 183 -29.07 22.03 17.68
C SER A 183 -28.08 21.09 17.01
N VAL A 184 -26.79 21.30 17.28
CA VAL A 184 -25.77 20.39 16.80
C VAL A 184 -25.83 19.06 17.54
N LEU A 185 -26.23 19.08 18.81
CA LEU A 185 -26.29 17.84 19.58
C LEU A 185 -27.31 16.88 19.01
N GLU A 186 -28.43 17.41 18.48
CA GLU A 186 -29.39 16.57 17.78
C GLU A 186 -28.74 15.83 16.63
N LEU A 187 -27.88 16.51 15.86
CA LEU A 187 -27.18 15.86 14.76
C LEU A 187 -26.29 14.75 15.26
N ILE A 188 -25.57 15.00 16.36
CA ILE A 188 -24.61 14.03 16.86
C ILE A 188 -25.32 12.77 17.33
N LEU A 189 -26.47 12.92 17.99
CA LEU A 189 -27.16 11.78 18.58
C LEU A 189 -28.01 11.00 17.59
N ASP A 190 -28.35 11.59 16.45
CA ASP A 190 -29.30 11.01 15.51
C ASP A 190 -28.53 10.28 14.41
N ASP A 191 -28.49 8.95 14.49
CA ASP A 191 -27.77 8.14 13.51
C ASP A 191 -28.34 8.29 12.10
N ALA A 192 -29.60 8.67 11.95
CA ALA A 192 -30.16 8.83 10.62
C ALA A 192 -29.70 10.11 9.93
N GLN A 193 -29.08 11.02 10.66
CA GLN A 193 -28.66 12.31 10.14
C GLN A 193 -27.20 12.27 9.73
N ASP A 194 -26.89 12.82 8.56
CA ASP A 194 -25.50 13.02 8.17
C ASP A 194 -25.25 14.50 7.91
N TYR A 195 -24.00 14.84 7.61
CA TYR A 195 -23.54 16.22 7.63
C TYR A 195 -23.35 16.76 6.22
N GLY A 196 -23.67 18.05 6.05
CA GLY A 196 -23.46 18.76 4.82
C GLY A 196 -22.39 19.83 4.94
N ILE A 197 -22.35 20.72 3.95
CA ILE A 197 -21.35 21.79 3.92
C ILE A 197 -21.40 22.60 5.22
N GLU A 198 -22.60 23.01 5.63
CA GLU A 198 -22.74 23.87 6.80
C GLU A 198 -22.59 23.10 8.10
N THR A 199 -23.30 21.99 8.25
CA THR A 199 -23.33 21.29 9.53
C THR A 199 -22.05 20.53 9.82
N THR A 200 -21.27 20.19 8.80
CA THR A 200 -19.94 19.62 9.05
C THR A 200 -19.10 20.59 9.87
N GLN A 201 -19.16 21.87 9.53
CA GLN A 201 -18.26 22.85 10.14
C GLN A 201 -18.64 23.12 11.59
N VAL A 202 -19.91 23.38 11.87
CA VAL A 202 -20.28 23.73 13.24
C VAL A 202 -20.16 22.51 14.15
N THR A 203 -20.34 21.30 13.61
CA THR A 203 -20.26 20.11 14.45
C THR A 203 -18.83 19.70 14.73
N ILE A 204 -17.95 19.75 13.73
CA ILE A 204 -16.53 19.52 13.98
C ILE A 204 -15.99 20.57 14.95
N PHE A 205 -16.40 21.83 14.77
CA PHE A 205 -16.02 22.89 15.70
C PHE A 205 -16.43 22.52 17.12
N ALA A 206 -17.69 22.12 17.32
CA ALA A 206 -18.15 21.72 18.64
C ALA A 206 -17.29 20.59 19.20
N ILE A 207 -16.97 19.60 18.36
CA ILE A 207 -16.17 18.47 18.83
C ILE A 207 -14.74 18.92 19.14
N GLN A 208 -14.20 19.84 18.34
CA GLN A 208 -12.84 20.34 18.60
C GLN A 208 -12.77 21.11 19.92
N ILE A 209 -13.75 21.98 20.17
CA ILE A 209 -13.79 22.71 21.43
C ILE A 209 -13.83 21.74 22.60
N ALA A 210 -14.72 20.75 22.54
CA ALA A 210 -14.91 19.84 23.65
C ALA A 210 -13.73 18.90 23.84
N LEU A 211 -13.07 18.49 22.74
CA LEU A 211 -11.89 17.66 22.87
C LEU A 211 -10.75 18.43 23.52
N GLY A 212 -10.57 19.69 23.13
CA GLY A 212 -9.47 20.48 23.69
C GLY A 212 -9.69 20.82 25.15
N GLU A 213 -10.95 21.13 25.52
CA GLU A 213 -11.25 21.43 26.91
C GLU A 213 -11.21 20.19 27.77
N LEU A 214 -11.57 19.02 27.22
CA LEU A 214 -11.33 17.77 27.93
C LEU A 214 -9.85 17.59 28.23
N LEU A 215 -8.98 17.88 27.25
CA LEU A 215 -7.55 17.77 27.48
C LEU A 215 -7.05 18.76 28.52
N ARG A 216 -7.51 20.01 28.46
CA ARG A 216 -7.13 20.98 29.48
C ARG A 216 -7.60 20.55 30.86
N HIS A 217 -8.75 19.87 30.94
CA HIS A 217 -9.26 19.38 32.21
C HIS A 217 -8.30 18.38 32.85
N HIS A 218 -7.56 17.65 32.04
CA HIS A 218 -6.58 16.68 32.52
C HIS A 218 -5.17 17.27 32.59
N GLY A 219 -5.02 18.58 32.49
CA GLY A 219 -3.74 19.22 32.67
C GLY A 219 -2.97 19.55 31.40
N ALA A 220 -3.49 19.23 30.23
CA ALA A 220 -2.75 19.52 29.02
C ALA A 220 -3.02 20.96 28.55
N LYS A 221 -2.09 21.49 27.76
CA LYS A 221 -2.18 22.84 27.21
C LYS A 221 -1.38 22.88 25.92
N PRO A 222 -1.79 23.68 24.94
CA PRO A 222 -0.97 23.85 23.74
C PRO A 222 0.19 24.80 23.99
N ALA A 223 1.35 24.44 23.47
CA ALA A 223 2.42 25.42 23.34
C ALA A 223 2.19 26.33 22.13
N ALA A 224 1.58 25.79 21.09
CA ALA A 224 1.23 26.54 19.90
C ALA A 224 0.06 25.83 19.22
N VAL A 225 -0.69 26.58 18.43
CA VAL A 225 -1.77 26.02 17.62
C VAL A 225 -1.49 26.30 16.15
N ILE A 226 -2.02 25.43 15.30
CA ILE A 226 -2.05 25.67 13.86
C ILE A 226 -3.43 25.26 13.35
N GLY A 227 -4.06 26.15 12.59
CA GLY A 227 -5.37 25.89 12.03
C GLY A 227 -5.31 25.50 10.57
N GLN A 228 -6.35 24.83 10.11
CA GLN A 228 -6.46 24.48 8.69
C GLN A 228 -7.93 24.52 8.31
N SER A 229 -8.28 25.42 7.40
CA SER A 229 -9.61 25.44 6.77
C SER A 229 -10.66 25.71 7.84
N LEU A 230 -11.73 24.90 7.94
CA LEU A 230 -12.78 25.14 8.93
C LEU A 230 -12.25 25.11 10.37
N GLY A 231 -11.09 24.50 10.59
CA GLY A 231 -10.56 24.41 11.95
C GLY A 231 -9.99 25.69 12.49
N GLU A 232 -9.89 26.74 11.65
CA GLU A 232 -9.27 27.98 12.08
C GLU A 232 -10.02 28.64 13.23
N ALA A 233 -11.36 28.51 13.26
CA ALA A 233 -12.12 29.13 14.34
C ALA A 233 -11.78 28.49 15.68
N ALA A 234 -11.64 27.16 15.72
CA ALA A 234 -11.27 26.50 16.97
C ALA A 234 -9.84 26.83 17.37
N SER A 235 -8.94 26.96 16.39
CA SER A 235 -7.56 27.33 16.70
C SER A 235 -7.50 28.70 17.36
N ALA A 236 -8.36 29.62 16.94
CA ALA A 236 -8.38 30.96 17.51
C ALA A 236 -8.84 30.94 18.96
N TYR A 237 -9.81 30.08 19.28
CA TYR A 237 -10.24 29.95 20.67
C TYR A 237 -9.13 29.40 21.54
N PHE A 238 -8.50 28.30 21.11
CA PHE A 238 -7.46 27.69 21.95
C PHE A 238 -6.19 28.51 22.00
N ALA A 239 -5.95 29.39 21.02
CA ALA A 239 -4.85 30.33 21.12
C ALA A 239 -5.18 31.54 21.98
N GLY A 240 -6.41 31.64 22.46
CA GLY A 240 -6.81 32.81 23.22
C GLY A 240 -6.99 34.06 22.38
N GLY A 241 -7.19 33.90 21.08
CA GLY A 241 -7.38 35.04 20.20
C GLY A 241 -8.83 35.48 20.10
N LEU A 242 -9.75 34.59 20.47
CA LEU A 242 -11.18 34.90 20.48
C LEU A 242 -11.84 34.16 21.63
N SER A 243 -12.86 34.78 22.21
CA SER A 243 -13.70 34.09 23.16
C SER A 243 -14.46 32.96 22.47
N LEU A 244 -15.00 32.04 23.28
CA LEU A 244 -15.81 30.95 22.71
C LEU A 244 -16.98 31.50 21.92
N ARG A 245 -17.63 32.56 22.41
CA ARG A 245 -18.75 33.15 21.70
C ARG A 245 -18.32 33.72 20.35
N ASP A 246 -17.18 34.41 20.31
CA ASP A 246 -16.75 35.02 19.05
C ASP A 246 -16.20 33.98 18.09
N ALA A 247 -15.49 32.97 18.60
CA ALA A 247 -15.08 31.86 17.75
C ALA A 247 -16.29 31.13 17.18
N THR A 248 -17.35 30.99 17.99
CA THR A 248 -18.58 30.37 17.49
C THR A 248 -19.23 31.25 16.43
N ARG A 249 -19.19 32.57 16.59
CA ARG A 249 -19.70 33.46 15.56
C ARG A 249 -18.92 33.27 14.26
N ALA A 250 -17.60 33.08 14.35
CA ALA A 250 -16.79 32.93 13.16
C ALA A 250 -17.19 31.68 12.38
N ILE A 251 -17.28 30.53 13.07
CA ILE A 251 -17.63 29.30 12.37
C ILE A 251 -19.08 29.33 11.88
N CYS A 252 -19.98 29.94 12.67
CA CYS A 252 -21.39 29.95 12.27
C CYS A 252 -21.63 30.85 11.08
N SER A 253 -20.99 32.03 11.06
CA SER A 253 -21.20 32.96 9.96
C SER A 253 -20.70 32.38 8.65
N ARG A 254 -19.50 31.79 8.64
CA ARG A 254 -18.95 31.29 7.39
C ARG A 254 -19.68 30.02 6.94
N SER A 255 -20.04 29.14 7.87
CA SER A 255 -20.59 27.84 7.48
C SER A 255 -21.97 27.99 6.82
N HIS A 256 -22.83 28.84 7.37
CA HIS A 256 -24.17 28.93 6.80
C HIS A 256 -24.17 29.72 5.49
N LEU A 257 -23.30 30.73 5.37
CA LEU A 257 -23.14 31.40 4.09
C LEU A 257 -22.58 30.47 3.03
N MET A 258 -21.62 29.62 3.41
CA MET A 258 -21.04 28.67 2.45
C MET A 258 -22.05 27.59 2.09
N GLY A 259 -22.79 27.08 3.07
CA GLY A 259 -23.75 26.03 2.79
C GLY A 259 -24.88 26.50 1.90
N GLU A 260 -25.37 27.72 2.14
CA GLU A 260 -26.44 28.27 1.32
C GLU A 260 -25.96 28.56 -0.09
N GLY A 261 -24.74 29.09 -0.23
CA GLY A 261 -24.20 29.34 -1.55
C GLY A 261 -23.95 28.07 -2.34
N GLU A 262 -23.40 27.04 -1.67
CA GLU A 262 -23.08 25.79 -2.36
C GLU A 262 -24.34 25.09 -2.85
N ALA A 263 -25.43 25.19 -2.09
CA ALA A 263 -26.67 24.49 -2.45
C ALA A 263 -27.29 25.03 -3.72
N MET A 264 -26.99 26.27 -4.10
CA MET A 264 -27.57 26.91 -5.27
C MET A 264 -26.71 26.79 -6.51
N LEU A 265 -25.61 26.03 -6.45
CA LEU A 265 -24.68 25.93 -7.56
C LEU A 265 -25.11 24.82 -8.51
N PHE A 266 -25.26 25.16 -9.79
CA PHE A 266 -25.58 24.20 -10.83
C PHE A 266 -24.84 24.61 -12.10
N GLY A 267 -24.63 23.63 -12.98
CA GLY A 267 -24.09 23.90 -14.30
C GLY A 267 -22.74 24.63 -14.26
N GLU A 268 -22.65 25.72 -15.00
CA GLU A 268 -21.42 26.49 -15.14
C GLU A 268 -20.97 27.15 -13.84
N TYR A 269 -21.81 27.16 -12.81
CA TYR A 269 -21.45 27.77 -11.54
C TYR A 269 -20.75 26.81 -10.59
N ILE A 270 -20.75 25.51 -10.90
CA ILE A 270 -20.13 24.52 -10.03
C ILE A 270 -18.62 24.63 -10.09
N ARG A 271 -17.98 24.56 -8.91
CA ARG A 271 -16.52 24.47 -8.81
C ARG A 271 -16.19 23.34 -7.85
N LEU A 272 -15.41 22.37 -8.32
CA LEU A 272 -15.06 21.21 -7.51
C LEU A 272 -13.80 21.49 -6.70
N MET A 273 -13.58 20.66 -5.68
CA MET A 273 -12.34 20.62 -4.92
C MET A 273 -11.77 19.21 -4.99
N ALA A 274 -10.45 19.13 -5.17
CA ALA A 274 -9.78 17.84 -5.30
C ALA A 274 -8.37 17.92 -4.73
N LEU A 275 -7.96 16.86 -4.04
CA LEU A 275 -6.58 16.68 -3.60
C LEU A 275 -5.80 15.98 -4.70
N VAL A 276 -4.67 16.56 -5.08
CA VAL A 276 -3.81 15.99 -6.11
C VAL A 276 -2.39 15.93 -5.58
N GLU A 277 -1.66 14.90 -6.00
CA GLU A 277 -0.29 14.67 -5.55
C GLU A 277 0.69 15.49 -6.40
N TYR A 278 0.52 16.81 -6.32
CA TYR A 278 1.41 17.76 -6.97
C TYR A 278 1.92 18.74 -5.91
N SER A 279 3.22 19.03 -5.98
CA SER A 279 3.79 20.08 -5.15
C SER A 279 3.41 21.45 -5.67
N ALA A 280 3.68 22.47 -4.86
CA ALA A 280 3.48 23.85 -5.31
C ALA A 280 4.30 24.16 -6.55
N ASP A 281 5.53 23.66 -6.62
CA ASP A 281 6.36 23.91 -7.79
C ASP A 281 5.78 23.23 -9.04
N GLU A 282 5.32 21.99 -8.89
CA GLU A 282 4.71 21.30 -10.03
C GLU A 282 3.42 21.99 -10.48
N ILE A 283 2.62 22.47 -9.51
CA ILE A 283 1.34 23.09 -9.85
C ILE A 283 1.56 24.34 -10.69
N ARG A 284 2.61 25.10 -10.38
CA ARG A 284 2.88 26.31 -11.17
C ARG A 284 3.04 25.97 -12.64
N GLU A 285 3.66 24.84 -12.96
CA GLU A 285 3.78 24.40 -14.35
C GLU A 285 2.49 23.75 -14.83
N VAL A 286 1.92 22.85 -14.01
CA VAL A 286 0.75 22.10 -14.42
C VAL A 286 -0.42 23.03 -14.71
N PHE A 287 -0.55 24.11 -13.93
CA PHE A 287 -1.70 25.00 -14.09
C PHE A 287 -1.66 25.81 -15.37
N SER A 288 -0.55 25.82 -16.10
CA SER A 288 -0.51 26.56 -17.36
C SER A 288 -1.45 25.95 -18.40
N ASP A 289 -1.89 24.73 -18.20
CA ASP A 289 -2.86 24.09 -19.10
C ASP A 289 -4.30 24.26 -18.64
N PHE A 290 -4.53 24.76 -17.43
CA PHE A 290 -5.85 24.81 -16.82
C PHE A 290 -6.04 26.21 -16.26
N PRO A 291 -6.54 27.14 -17.07
CA PRO A 291 -6.47 28.57 -16.71
C PRO A 291 -7.37 28.96 -15.55
N ASP A 292 -8.34 28.15 -15.15
CA ASP A 292 -9.26 28.54 -14.09
C ASP A 292 -9.07 27.77 -12.80
N LEU A 293 -8.03 26.94 -12.70
CA LEU A 293 -7.76 26.24 -11.45
C LEU A 293 -7.05 27.16 -10.46
N GLU A 294 -7.36 26.97 -9.18
CA GLU A 294 -6.76 27.71 -8.08
C GLU A 294 -6.33 26.75 -6.98
N VAL A 295 -5.43 27.19 -6.12
CA VAL A 295 -4.96 26.37 -5.00
C VAL A 295 -5.81 26.66 -3.77
N CYS A 296 -6.40 25.62 -3.18
CA CYS A 296 -7.19 25.78 -1.97
C CYS A 296 -6.34 25.57 -0.72
N VAL A 297 -5.62 24.45 -0.66
CA VAL A 297 -4.82 24.10 0.52
C VAL A 297 -3.49 23.54 0.05
N TYR A 298 -2.39 24.14 0.52
CA TYR A 298 -1.08 23.51 0.42
C TYR A 298 -0.99 22.54 1.59
N ALA A 299 -1.33 21.28 1.33
CA ALA A 299 -1.57 20.33 2.42
C ALA A 299 -0.29 19.66 2.89
N ALA A 300 0.56 19.23 1.96
CA ALA A 300 1.82 18.57 2.25
C ALA A 300 2.81 19.06 1.20
N PRO A 301 4.10 18.74 1.33
CA PRO A 301 5.06 19.17 0.28
C PRO A 301 4.70 18.66 -1.10
N THR A 302 4.09 17.48 -1.23
CA THR A 302 3.75 16.93 -2.54
C THR A 302 2.24 16.72 -2.70
N GLN A 303 1.41 17.39 -1.91
CA GLN A 303 -0.03 17.25 -2.03
C GLN A 303 -0.70 18.60 -1.84
N THR A 304 -1.68 18.88 -2.70
CA THR A 304 -2.31 20.18 -2.78
C THR A 304 -3.78 19.99 -3.11
N VAL A 305 -4.64 20.72 -2.40
CA VAL A 305 -6.07 20.76 -2.71
C VAL A 305 -6.29 21.89 -3.69
N ILE A 306 -6.90 21.56 -4.84
CA ILE A 306 -7.11 22.51 -5.91
C ILE A 306 -8.62 22.62 -6.16
N GLY A 307 -9.00 23.70 -6.83
CA GLY A 307 -10.41 23.94 -7.09
C GLY A 307 -10.61 24.63 -8.43
N GLY A 308 -11.77 24.41 -9.04
CA GLY A 308 -12.07 25.02 -10.31
C GLY A 308 -13.18 24.31 -11.06
N PRO A 309 -13.39 24.71 -12.31
CA PRO A 309 -14.51 24.15 -13.08
C PRO A 309 -14.35 22.65 -13.25
N PRO A 310 -15.46 21.91 -13.25
CA PRO A 310 -15.37 20.43 -13.28
C PRO A 310 -14.56 19.88 -14.44
N GLU A 311 -14.67 20.46 -15.63
CA GLU A 311 -13.95 19.90 -16.78
C GLU A 311 -12.44 20.01 -16.60
N GLN A 312 -11.97 21.12 -16.04
CA GLN A 312 -10.53 21.28 -15.80
C GLN A 312 -10.07 20.47 -14.59
N VAL A 313 -10.89 20.34 -13.56
CA VAL A 313 -10.53 19.48 -12.44
C VAL A 313 -10.48 18.02 -12.90
N ASP A 314 -11.44 17.60 -13.72
CA ASP A 314 -11.40 16.24 -14.26
C ASP A 314 -10.14 16.02 -15.08
N ALA A 315 -9.71 17.04 -15.83
CA ALA A 315 -8.54 16.88 -16.70
C ALA A 315 -7.25 16.76 -15.88
N ILE A 316 -7.10 17.58 -14.83
CA ILE A 316 -5.86 17.50 -14.04
C ILE A 316 -5.82 16.20 -13.25
N LEU A 317 -6.97 15.68 -12.81
CA LEU A 317 -6.99 14.38 -12.16
C LEU A 317 -6.55 13.30 -13.12
N ALA A 318 -6.98 13.39 -14.38
CA ALA A 318 -6.61 12.41 -15.38
C ALA A 318 -5.13 12.49 -15.73
N ARG A 319 -4.58 13.70 -15.74
CA ARG A 319 -3.13 13.82 -15.93
C ARG A 319 -2.38 13.19 -14.77
N ALA A 320 -2.85 13.42 -13.54
CA ALA A 320 -2.16 12.90 -12.36
C ALA A 320 -2.16 11.38 -12.36
N GLU A 321 -3.32 10.77 -12.62
CA GLU A 321 -3.39 9.31 -12.65
C GLU A 321 -2.54 8.74 -13.76
N ALA A 322 -2.41 9.44 -14.89
CA ALA A 322 -1.54 8.97 -15.96
C ALA A 322 -0.07 9.04 -15.54
N GLU A 323 0.26 9.92 -14.60
CA GLU A 323 1.62 10.03 -14.07
C GLU A 323 1.83 9.25 -12.79
N GLY A 324 0.90 8.35 -12.45
CA GLY A 324 1.02 7.57 -11.24
C GLY A 324 0.85 8.34 -9.95
N LYS A 325 0.17 9.49 -10.00
CA LYS A 325 0.00 10.36 -8.84
C LYS A 325 -1.42 10.27 -8.30
N PHE A 326 -1.54 10.41 -6.98
CA PHE A 326 -2.83 10.28 -6.33
C PHE A 326 -3.71 11.50 -6.58
N ALA A 327 -5.01 11.26 -6.69
CA ALA A 327 -5.98 12.32 -6.90
C ALA A 327 -7.33 11.86 -6.39
N ARG A 328 -8.06 12.76 -5.72
CA ARG A 328 -9.34 12.42 -5.11
C ARG A 328 -10.19 13.67 -4.99
N LYS A 329 -11.45 13.57 -5.43
CA LYS A 329 -12.41 14.66 -5.31
C LYS A 329 -13.06 14.67 -3.94
N PHE A 330 -13.48 15.86 -3.52
CA PHE A 330 -14.29 16.02 -2.32
C PHE A 330 -15.74 16.23 -2.69
N ALA A 331 -16.62 15.96 -1.74
CA ALA A 331 -18.07 16.05 -1.95
C ALA A 331 -18.52 17.48 -1.72
N THR A 332 -18.40 18.30 -2.77
CA THR A 332 -18.83 19.68 -2.71
C THR A 332 -19.00 20.20 -4.13
N LYS A 333 -19.99 21.07 -4.32
CA LYS A 333 -20.18 21.77 -5.57
C LYS A 333 -19.53 23.14 -5.59
N GLY A 334 -18.94 23.56 -4.47
CA GLY A 334 -18.27 24.85 -4.39
C GLY A 334 -16.83 24.69 -3.90
N ALA A 335 -16.01 25.67 -4.23
CA ALA A 335 -14.58 25.61 -3.91
C ALA A 335 -14.24 26.73 -2.94
N SER A 336 -14.13 26.37 -1.66
CA SER A 336 -13.64 27.33 -0.68
C SER A 336 -12.18 27.65 -0.97
N HIS A 337 -11.74 28.81 -0.46
CA HIS A 337 -10.36 29.30 -0.63
C HIS A 337 -10.02 29.55 -2.10
N THR A 338 -11.03 29.95 -2.87
CA THR A 338 -10.88 30.40 -4.26
C THR A 338 -11.69 31.66 -4.46
N SER A 339 -11.57 32.25 -5.65
CA SER A 339 -12.31 33.46 -5.99
C SER A 339 -13.82 33.25 -5.98
N GLN A 340 -14.32 32.01 -5.99
CA GLN A 340 -15.75 31.79 -5.90
C GLN A 340 -16.35 32.30 -4.59
N MET A 341 -15.54 32.48 -3.56
CA MET A 341 -16.04 32.96 -2.27
C MET A 341 -16.29 34.46 -2.24
N ASP A 342 -15.85 35.21 -3.26
CA ASP A 342 -16.01 36.66 -3.28
C ASP A 342 -17.42 37.14 -2.94
N PRO A 343 -18.50 36.60 -3.51
CA PRO A 343 -19.84 37.12 -3.19
C PRO A 343 -20.28 36.90 -1.75
N LEU A 344 -19.58 36.08 -0.98
CA LEU A 344 -19.94 35.86 0.42
C LEU A 344 -19.30 36.84 1.37
N LEU A 345 -18.28 37.59 0.93
CA LEU A 345 -17.43 38.32 1.87
C LEU A 345 -18.13 39.54 2.45
N GLY A 346 -19.00 40.18 1.67
CA GLY A 346 -19.74 41.33 2.19
C GLY A 346 -20.64 40.96 3.35
N GLU A 347 -21.42 39.89 3.19
CA GLU A 347 -22.30 39.47 4.27
C GLU A 347 -21.50 38.91 5.44
N LEU A 348 -20.41 38.20 5.16
CA LEU A 348 -19.54 37.72 6.24
C LEU A 348 -19.01 38.87 7.08
N THR A 349 -18.63 39.98 6.42
CA THR A 349 -18.21 41.17 7.13
C THR A 349 -19.30 41.67 8.08
N ALA A 350 -20.53 41.79 7.56
CA ALA A 350 -21.62 42.31 8.38
C ALA A 350 -21.93 41.39 9.55
N GLU A 351 -21.83 40.07 9.35
CA GLU A 351 -22.22 39.15 10.40
C GLU A 351 -21.19 39.05 11.52
N LEU A 352 -19.94 39.45 11.26
CA LEU A 352 -18.89 39.36 12.26
C LEU A 352 -18.59 40.70 12.92
N GLN A 353 -19.39 41.72 12.67
CA GLN A 353 -19.19 43.00 13.33
C GLN A 353 -19.40 42.86 14.83
N GLY A 354 -18.42 43.34 15.59
CA GLY A 354 -18.49 43.29 17.04
C GLY A 354 -17.62 42.24 17.69
N ILE A 355 -17.06 41.29 16.92
CA ILE A 355 -16.15 40.33 17.52
C ILE A 355 -14.93 41.07 18.06
N LYS A 356 -14.31 40.50 19.09
CA LYS A 356 -13.27 41.17 19.87
C LYS A 356 -11.99 40.36 19.82
N PRO A 357 -11.11 40.63 18.85
CA PRO A 357 -9.84 39.91 18.79
C PRO A 357 -8.99 40.23 20.02
N THR A 358 -8.35 39.20 20.58
CA THR A 358 -7.53 39.37 21.77
C THR A 358 -6.11 38.88 21.50
N SER A 359 -5.20 39.31 22.36
CA SER A 359 -3.81 38.92 22.23
C SER A 359 -3.66 37.44 22.56
N PRO A 360 -3.00 36.65 21.69
CA PRO A 360 -2.93 35.21 21.93
C PRO A 360 -2.17 34.85 23.20
N THR A 361 -2.60 33.76 23.82
CA THR A 361 -1.97 33.22 25.02
C THR A 361 -1.02 32.06 24.73
N CYS A 362 -0.98 31.57 23.49
CA CYS A 362 0.07 30.66 23.07
C CYS A 362 0.50 31.07 21.66
N GLY A 363 1.50 30.38 21.12
CA GLY A 363 1.95 30.69 19.77
C GLY A 363 0.92 30.27 18.73
N ILE A 364 0.93 30.97 17.61
CA ILE A 364 0.05 30.68 16.47
C ILE A 364 0.91 30.55 15.22
N PHE A 365 0.84 29.39 14.57
CA PHE A 365 1.30 29.26 13.19
C PHE A 365 0.08 29.50 12.30
N SER A 366 -0.02 30.71 11.75
CA SER A 366 -1.20 31.13 11.01
C SER A 366 -1.10 30.67 9.56
N THR A 367 -1.93 29.70 9.19
CA THR A 367 -1.96 29.24 7.81
C THR A 367 -2.74 30.21 6.92
N VAL A 368 -3.53 31.11 7.51
CA VAL A 368 -4.09 32.21 6.74
C VAL A 368 -2.98 33.16 6.31
N HIS A 369 -2.13 33.58 7.26
CA HIS A 369 -1.00 34.46 6.96
C HIS A 369 0.24 33.66 6.57
N GLU A 370 0.07 32.77 5.59
CA GLU A 370 1.17 32.14 4.87
C GLU A 370 2.09 31.31 5.77
N GLY A 371 1.60 30.87 6.92
CA GLY A 371 2.39 30.01 7.78
C GLY A 371 3.27 30.70 8.79
N ARG A 372 3.19 32.02 8.90
CA ARG A 372 4.08 32.74 9.79
C ARG A 372 3.63 32.59 11.23
N TYR A 373 4.57 32.80 12.16
CA TYR A 373 4.36 32.58 13.58
C TYR A 373 4.02 33.88 14.29
N ILE A 374 2.99 33.83 15.13
CA ILE A 374 2.63 34.93 16.02
C ILE A 374 2.94 34.51 17.44
N LYS A 375 3.72 35.31 18.15
CA LYS A 375 4.20 34.95 19.48
C LYS A 375 3.09 35.09 20.52
N PRO A 376 3.15 34.31 21.60
CA PRO A 376 2.30 34.61 22.77
C PRO A 376 2.49 36.05 23.21
N GLY A 377 1.39 36.70 23.58
CA GLY A 377 1.41 38.10 23.92
C GLY A 377 1.45 39.05 22.74
N GLY A 378 1.56 38.54 21.52
CA GLY A 378 1.61 39.38 20.34
C GLY A 378 0.31 40.12 20.09
N GLU A 379 0.32 40.93 19.05
CA GLU A 379 -0.88 41.68 18.68
C GLU A 379 -1.96 40.74 18.16
N PRO A 380 -3.24 41.08 18.38
CA PRO A 380 -4.32 40.21 17.88
C PRO A 380 -4.28 40.10 16.37
N ILE A 381 -4.71 38.94 15.87
CA ILE A 381 -4.83 38.73 14.44
C ILE A 381 -6.26 38.43 14.00
N HIS A 382 -7.15 38.01 14.89
CA HIS A 382 -8.42 37.41 14.48
C HIS A 382 -9.53 38.44 14.27
N ASP A 383 -9.22 39.53 13.59
CA ASP A 383 -10.26 40.51 13.29
C ASP A 383 -11.11 40.02 12.12
N VAL A 384 -12.11 40.83 11.75
CA VAL A 384 -13.04 40.44 10.69
C VAL A 384 -12.30 40.19 9.39
N GLU A 385 -11.29 41.01 9.08
CA GLU A 385 -10.54 40.84 7.84
C GLU A 385 -9.79 39.51 7.80
N TYR A 386 -9.44 38.97 8.97
CA TYR A 386 -8.74 37.69 9.02
C TYR A 386 -9.64 36.55 8.54
N TRP A 387 -10.91 36.59 8.93
CA TRP A 387 -11.84 35.54 8.54
C TRP A 387 -12.22 35.65 7.07
N LYS A 388 -12.35 36.87 6.56
CA LYS A 388 -12.56 37.05 5.13
C LYS A 388 -11.38 36.51 4.34
N LYS A 389 -10.16 36.89 4.73
CA LYS A 389 -8.97 36.41 4.05
C LYS A 389 -8.85 34.90 4.14
N GLY A 390 -9.18 34.33 5.30
CA GLY A 390 -9.07 32.88 5.46
C GLY A 390 -10.01 32.13 4.55
N LEU A 391 -11.24 32.62 4.42
CA LEU A 391 -12.20 31.97 3.54
C LEU A 391 -11.81 32.13 2.08
N ARG A 392 -11.29 33.31 1.71
CA ARG A 392 -11.06 33.63 0.31
C ARG A 392 -9.76 33.02 -0.23
N HIS A 393 -8.72 32.95 0.59
CA HIS A 393 -7.40 32.65 0.07
C HIS A 393 -6.88 31.29 0.54
N SER A 394 -5.76 30.89 -0.06
CA SER A 394 -5.21 29.55 0.14
C SER A 394 -4.82 29.32 1.59
N VAL A 395 -4.77 28.04 1.96
CA VAL A 395 -4.37 27.62 3.30
C VAL A 395 -2.93 27.12 3.21
N TYR A 396 -2.01 27.81 3.87
CA TYR A 396 -0.60 27.45 3.81
C TYR A 396 -0.26 26.50 4.97
N PHE A 397 -0.81 25.29 4.87
CA PHE A 397 -0.72 24.36 5.99
C PHE A 397 0.66 23.73 6.09
N THR A 398 1.17 23.17 4.99
CA THR A 398 2.48 22.55 5.04
C THR A 398 3.57 23.54 5.43
N HIS A 399 3.42 24.80 5.05
CA HIS A 399 4.41 25.81 5.41
C HIS A 399 4.33 26.17 6.89
N GLY A 400 3.14 26.18 7.46
CA GLY A 400 3.03 26.36 8.90
C GLY A 400 3.65 25.21 9.67
N ILE A 401 3.41 23.98 9.23
CA ILE A 401 4.04 22.82 9.88
C ILE A 401 5.56 22.91 9.75
N ARG A 402 6.05 23.23 8.55
CA ARG A 402 7.48 23.34 8.32
C ARG A 402 8.09 24.43 9.19
N ASN A 403 7.38 25.55 9.35
CA ASN A 403 7.83 26.59 10.26
C ASN A 403 7.93 26.08 11.69
N ALA A 404 6.99 25.22 12.10
CA ALA A 404 7.00 24.68 13.45
C ALA A 404 8.14 23.69 13.65
N VAL A 405 8.39 22.85 12.65
CA VAL A 405 9.47 21.88 12.73
C VAL A 405 10.82 22.58 12.80
N ASP A 406 11.00 23.63 11.98
CA ASP A 406 12.27 24.35 11.97
C ASP A 406 12.50 25.11 13.27
N SER A 407 11.45 25.37 14.05
CA SER A 407 11.60 26.05 15.32
C SER A 407 11.65 25.09 16.51
N GLY A 408 11.88 23.81 16.27
CA GLY A 408 12.10 22.85 17.34
C GLY A 408 10.90 22.01 17.74
N HIS A 409 9.71 22.27 17.20
CA HIS A 409 8.54 21.50 17.60
C HIS A 409 8.58 20.11 16.98
N THR A 410 8.26 19.11 17.79
CA THR A 410 8.21 17.73 17.33
C THR A 410 6.91 17.00 17.65
N THR A 411 6.12 17.50 18.60
CA THR A 411 4.86 16.87 18.98
C THR A 411 3.71 17.63 18.32
N PHE A 412 2.92 16.93 17.52
CA PHE A 412 1.73 17.50 16.89
C PHE A 412 0.53 16.66 17.31
N LEU A 413 -0.45 17.30 17.92
CA LEU A 413 -1.65 16.64 18.41
C LEU A 413 -2.83 17.22 17.64
N GLU A 414 -3.58 16.34 16.96
CA GLU A 414 -4.72 16.79 16.16
C GLU A 414 -6.01 16.55 16.94
N LEU A 415 -6.79 17.61 17.11
CA LEU A 415 -8.15 17.52 17.63
C LEU A 415 -9.09 17.40 16.43
N ALA A 416 -9.68 16.24 16.25
CA ALA A 416 -10.47 15.96 15.05
C ALA A 416 -11.29 14.71 15.29
N PRO A 417 -12.41 14.56 14.56
CA PRO A 417 -13.12 13.26 14.56
C PRO A 417 -12.37 12.16 13.84
N ASN A 418 -11.33 12.51 13.07
CA ASN A 418 -10.55 11.57 12.27
C ASN A 418 -9.22 12.22 11.94
N PRO A 419 -8.09 11.53 12.12
CA PRO A 419 -6.77 12.19 12.06
C PRO A 419 -6.25 12.37 10.64
N VAL A 420 -7.06 13.01 9.79
CA VAL A 420 -6.71 13.19 8.39
C VAL A 420 -5.52 14.14 8.24
N ALA A 421 -5.53 15.25 8.96
CA ALA A 421 -4.45 16.22 8.81
C ALA A 421 -3.13 15.70 9.38
N LEU A 422 -3.18 14.80 10.38
CA LEU A 422 -1.94 14.27 10.95
C LEU A 422 -1.13 13.50 9.92
N MET A 423 -1.80 12.83 8.98
CA MET A 423 -1.09 12.12 7.92
C MET A 423 -0.41 13.09 6.97
N GLN A 424 -1.00 14.27 6.77
CA GLN A 424 -0.32 15.32 6.02
C GLN A 424 0.85 15.88 6.80
N VAL A 425 0.67 16.08 8.12
CA VAL A 425 1.77 16.56 8.95
C VAL A 425 2.96 15.62 8.86
N ALA A 426 2.70 14.31 8.86
CA ALA A 426 3.77 13.33 8.79
C ALA A 426 4.59 13.48 7.51
N LEU A 427 3.95 13.92 6.41
CA LEU A 427 4.69 14.12 5.17
C LEU A 427 5.58 15.35 5.27
N THR A 428 5.10 16.41 5.90
CA THR A 428 5.94 17.60 6.07
C THR A 428 7.11 17.33 7.02
N THR A 429 6.84 16.66 8.15
CA THR A 429 7.93 16.43 9.11
C THR A 429 9.03 15.56 8.52
N ALA A 430 8.66 14.49 7.80
CA ALA A 430 9.67 13.66 7.17
C ALA A 430 10.43 14.42 6.10
N ASP A 431 9.72 15.26 5.34
CA ASP A 431 10.37 16.07 4.32
C ASP A 431 11.34 17.07 4.93
N ALA A 432 11.06 17.53 6.15
CA ALA A 432 11.95 18.44 6.86
C ALA A 432 13.10 17.72 7.56
N GLY A 433 13.18 16.39 7.48
CA GLY A 433 14.23 15.64 8.15
C GLY A 433 13.88 15.11 9.52
N LEU A 434 12.70 15.42 10.04
CA LEU A 434 12.28 14.93 11.36
C LEU A 434 11.55 13.60 11.17
N HIS A 435 12.26 12.50 11.42
CA HIS A 435 11.73 11.17 11.20
C HIS A 435 11.24 10.48 12.47
N ASP A 436 11.22 11.19 13.60
CA ASP A 436 10.72 10.65 14.85
C ASP A 436 9.76 11.62 15.52
N ALA A 437 8.90 12.27 14.75
CA ALA A 437 7.94 13.20 15.33
C ALA A 437 6.91 12.45 16.17
N GLN A 438 6.36 13.14 17.16
CA GLN A 438 5.29 12.59 17.99
C GLN A 438 3.96 13.06 17.42
N LEU A 439 3.32 12.21 16.64
CA LEU A 439 2.05 12.54 15.99
C LEU A 439 0.94 11.84 16.75
N ILE A 440 0.15 12.61 17.49
CA ILE A 440 -0.81 12.09 18.46
C ILE A 440 -2.21 12.38 17.93
N PRO A 441 -2.97 11.37 17.52
CA PRO A 441 -4.35 11.60 17.11
C PRO A 441 -5.25 11.76 18.33
N THR A 442 -6.51 12.12 18.06
CA THR A 442 -7.55 12.00 19.07
C THR A 442 -8.58 10.97 18.59
N LEU A 443 -9.74 11.42 18.13
CA LEU A 443 -10.77 10.46 17.75
C LEU A 443 -10.53 9.93 16.34
N ALA A 444 -11.12 8.77 16.05
CA ALA A 444 -11.06 8.19 14.73
C ALA A 444 -12.31 7.34 14.50
N ARG A 445 -12.78 7.33 13.25
CA ARG A 445 -13.91 6.49 12.90
C ARG A 445 -13.54 5.03 13.11
N LYS A 446 -14.50 4.25 13.60
CA LYS A 446 -14.33 2.82 13.88
C LYS A 446 -13.29 2.53 14.96
N GLN A 447 -12.97 3.51 15.81
CA GLN A 447 -12.15 3.28 17.00
C GLN A 447 -12.91 3.80 18.21
N ASP A 448 -12.84 3.07 19.31
CA ASP A 448 -13.56 3.48 20.51
C ASP A 448 -13.09 4.86 20.97
N GLU A 449 -14.04 5.79 21.11
CA GLU A 449 -13.66 7.18 21.38
C GLU A 449 -13.14 7.36 22.80
N VAL A 450 -13.59 6.56 23.77
CA VAL A 450 -13.04 6.65 25.12
C VAL A 450 -11.60 6.14 25.13
N SER A 451 -11.37 4.97 24.54
CA SER A 451 -10.01 4.42 24.48
C SER A 451 -9.07 5.33 23.70
N SER A 452 -9.59 6.03 22.70
CA SER A 452 -8.75 6.95 21.93
C SER A 452 -8.21 8.07 22.79
N MET A 453 -9.07 8.66 23.63
CA MET A 453 -8.64 9.77 24.46
C MET A 453 -7.72 9.30 25.58
N VAL A 454 -7.85 8.05 26.01
CA VAL A 454 -6.89 7.48 26.95
C VAL A 454 -5.53 7.37 26.32
N SER A 455 -5.48 6.85 25.08
CA SER A 455 -4.21 6.74 24.37
C SER A 455 -3.60 8.12 24.12
N THR A 456 -4.43 9.08 23.70
CA THR A 456 -3.95 10.45 23.52
C THR A 456 -3.27 10.98 24.76
N MET A 457 -3.94 10.85 25.92
CA MET A 457 -3.40 11.46 27.13
C MET A 457 -2.22 10.68 27.66
N ALA A 458 -2.22 9.35 27.48
CA ALA A 458 -1.05 8.55 27.85
C ALA A 458 0.16 8.94 27.03
N GLN A 459 -0.04 9.30 25.76
CA GLN A 459 1.09 9.71 24.93
C GLN A 459 1.64 11.06 25.35
N LEU A 460 0.75 12.01 25.67
CA LEU A 460 1.22 13.28 26.23
C LEU A 460 2.06 13.04 27.48
N TYR A 461 1.66 12.08 28.31
CA TYR A 461 2.41 11.81 29.53
C TYR A 461 3.80 11.27 29.23
N VAL A 462 3.89 10.27 28.35
N VAL A 462 3.91 10.24 28.37
CA VAL A 462 5.15 9.56 28.14
CA VAL A 462 5.22 9.60 28.19
C VAL A 462 6.21 10.49 27.55
C VAL A 462 6.24 10.58 27.62
N TYR A 463 5.79 11.48 26.74
CA TYR A 463 6.71 12.43 26.14
C TYR A 463 7.05 13.61 27.05
N GLY A 464 6.47 13.67 28.24
CA GLY A 464 6.84 14.68 29.21
C GLY A 464 6.04 15.97 29.14
N HIS A 465 5.01 16.02 28.29
CA HIS A 465 4.18 17.20 28.21
C HIS A 465 3.25 17.27 29.42
N ASP A 466 2.68 18.45 29.65
CA ASP A 466 1.79 18.63 30.79
C ASP A 466 0.57 17.73 30.66
N LEU A 467 0.29 16.97 31.71
CA LEU A 467 -0.80 16.02 31.77
C LEU A 467 -0.76 15.38 33.16
N ASP A 468 -1.76 15.65 33.99
CA ASP A 468 -1.82 15.05 35.32
C ASP A 468 -2.42 13.66 35.19
N ILE A 469 -1.56 12.65 35.12
CA ILE A 469 -2.01 11.27 34.92
C ILE A 469 -2.87 10.77 36.07
N ARG A 470 -2.78 11.40 37.24
CA ARG A 470 -3.69 11.04 38.34
C ARG A 470 -5.14 11.24 37.94
N THR A 471 -5.44 12.25 37.10
CA THR A 471 -6.81 12.54 36.70
C THR A 471 -7.38 11.52 35.72
N LEU A 472 -6.59 10.58 35.25
CA LEU A 472 -7.09 9.50 34.40
C LEU A 472 -7.80 8.41 35.20
N PHE A 473 -7.85 8.55 36.53
CA PHE A 473 -8.50 7.59 37.40
C PHE A 473 -9.42 8.34 38.37
N SER A 474 -10.62 7.81 38.57
CA SER A 474 -11.54 8.39 39.53
C SER A 474 -10.97 8.29 40.94
N ARG A 475 -11.42 9.19 41.81
CA ARG A 475 -10.94 9.21 43.18
C ARG A 475 -11.33 7.92 43.90
N ALA A 476 -10.39 7.37 44.67
CA ALA A 476 -10.62 6.10 45.34
C ALA A 476 -11.69 6.26 46.41
N SER A 477 -12.63 5.31 46.44
CA SER A 477 -13.63 5.27 47.50
C SER A 477 -13.23 4.36 48.66
N GLY A 478 -12.33 3.41 48.42
CA GLY A 478 -11.91 2.49 49.46
C GLY A 478 -10.54 1.91 49.16
N PRO A 479 -10.01 1.10 50.07
CA PRO A 479 -8.67 0.53 49.86
C PRO A 479 -8.60 -0.43 48.68
N GLN A 480 -9.72 -1.03 48.27
CA GLN A 480 -9.69 -1.92 47.13
C GLN A 480 -9.44 -1.20 45.81
N ASP A 481 -9.51 0.13 45.81
CA ASP A 481 -9.21 0.93 44.62
C ASP A 481 -7.72 1.14 44.41
N TYR A 482 -6.87 0.69 45.32
CA TYR A 482 -5.43 0.69 45.13
C TYR A 482 -4.91 -0.74 45.09
N ALA A 483 -3.74 -0.90 44.50
CA ALA A 483 -3.05 -2.19 44.49
C ALA A 483 -1.93 -2.18 45.53
N ASN A 484 -1.57 -3.38 45.99
CA ASN A 484 -0.61 -3.52 47.08
C ASN A 484 0.83 -3.45 46.55
N ILE A 485 1.13 -2.27 46.00
CA ILE A 485 2.44 -1.96 45.41
C ILE A 485 2.78 -0.52 45.78
N PRO A 486 4.05 -0.13 45.63
CA PRO A 486 4.42 1.28 45.86
C PRO A 486 3.65 2.21 44.95
N PRO A 487 3.20 3.36 45.45
CA PRO A 487 3.42 3.93 46.79
C PRO A 487 2.24 3.74 47.73
N THR A 488 1.37 2.77 47.46
CA THR A 488 0.15 2.57 48.23
C THR A 488 0.13 1.20 48.91
N ARG A 489 1.31 0.74 49.34
CA ARG A 489 1.38 -0.53 50.03
C ARG A 489 0.61 -0.48 51.35
N PHE A 490 -0.05 -1.58 51.68
CA PHE A 490 -0.88 -1.67 52.87
C PHE A 490 -0.05 -2.32 53.98
N LYS A 491 0.33 -1.52 54.97
CA LYS A 491 1.19 -1.98 56.06
C LYS A 491 0.48 -3.03 56.92
N GLU B 24 31.47 -0.10 -5.57
CA GLU B 24 31.33 -0.64 -4.22
C GLU B 24 30.85 -2.09 -4.25
N LEU B 25 30.46 -2.55 -5.44
CA LEU B 25 30.05 -3.92 -5.68
C LEU B 25 30.90 -4.53 -6.78
N PRO B 26 31.12 -5.85 -6.75
CA PRO B 26 32.00 -6.46 -7.76
C PRO B 26 31.43 -6.34 -9.16
N GLY B 27 32.31 -6.14 -10.13
CA GLY B 27 31.90 -6.04 -11.52
C GLY B 27 31.90 -7.40 -12.20
N VAL B 28 31.57 -7.37 -13.50
CA VAL B 28 31.58 -8.58 -14.30
C VAL B 28 32.96 -9.21 -14.28
N THR B 29 33.00 -10.52 -14.09
CA THR B 29 34.29 -11.20 -13.99
C THR B 29 34.95 -11.32 -15.37
N GLU B 30 36.26 -11.54 -15.34
CA GLU B 30 37.02 -11.71 -16.58
C GLU B 30 36.60 -12.98 -17.32
N GLU B 31 36.31 -14.05 -16.58
CA GLU B 31 35.82 -15.27 -17.23
C GLU B 31 34.46 -15.02 -17.87
N ALA B 32 33.58 -14.28 -17.19
CA ALA B 32 32.30 -13.92 -17.80
C ALA B 32 32.51 -13.11 -19.07
N LEU B 33 33.41 -12.13 -19.01
CA LEU B 33 33.71 -11.33 -20.21
C LEU B 33 34.26 -12.19 -21.34
N ARG B 34 35.10 -13.16 -21.01
CA ARG B 34 35.64 -14.04 -22.05
C ARG B 34 34.55 -14.91 -22.65
N LEU B 35 33.70 -15.49 -21.80
CA LEU B 35 32.57 -16.29 -22.29
C LEU B 35 31.63 -15.44 -23.13
N LYS B 36 31.42 -14.18 -22.73
CA LYS B 36 30.50 -13.31 -23.46
C LYS B 36 31.00 -13.04 -24.87
N GLU B 37 32.29 -12.69 -25.01
CA GLU B 37 32.86 -12.47 -26.33
C GLU B 37 32.76 -13.72 -27.19
N ALA B 38 33.02 -14.89 -26.60
CA ALA B 38 32.88 -16.14 -27.34
C ALA B 38 31.44 -16.36 -27.77
N ALA B 39 30.48 -16.09 -26.88
CA ALA B 39 29.08 -16.29 -27.22
C ALA B 39 28.64 -15.34 -28.33
N LEU B 40 29.12 -14.10 -28.30
CA LEU B 40 28.72 -13.13 -29.33
C LEU B 40 29.26 -13.51 -30.69
N GLU B 41 30.49 -14.06 -30.75
CA GLU B 41 31.06 -14.45 -32.03
C GLU B 41 30.23 -15.57 -32.68
N GLU B 42 29.88 -16.59 -31.91
CA GLU B 42 29.08 -17.66 -32.49
C GLU B 42 27.65 -17.23 -32.74
N LEU B 43 27.17 -16.22 -31.99
CA LEU B 43 25.86 -15.65 -32.28
C LEU B 43 25.88 -14.94 -33.63
N ALA B 44 26.92 -14.14 -33.87
CA ALA B 44 27.04 -13.43 -35.15
C ALA B 44 27.30 -14.39 -36.32
N ALA B 45 27.75 -15.60 -36.04
CA ALA B 45 27.97 -16.59 -37.09
C ALA B 45 26.69 -17.30 -37.50
N GLN B 46 25.62 -17.18 -36.72
CA GLN B 46 24.36 -17.86 -37.04
C GLN B 46 23.60 -17.09 -38.11
N GLU B 47 22.78 -17.84 -38.86
CA GLU B 47 21.87 -17.19 -39.82
C GLU B 47 20.86 -16.34 -39.07
N VAL B 48 20.70 -15.09 -39.52
CA VAL B 48 19.80 -14.17 -38.84
C VAL B 48 18.36 -14.58 -39.10
N THR B 49 17.55 -14.52 -38.05
CA THR B 49 16.12 -14.79 -38.16
C THR B 49 15.33 -13.49 -38.20
N ALA B 50 14.21 -13.52 -38.90
CA ALA B 50 13.37 -12.33 -39.01
C ALA B 50 12.75 -12.02 -37.65
N PRO B 51 12.88 -10.80 -37.15
CA PRO B 51 12.25 -10.45 -35.87
C PRO B 51 10.74 -10.62 -35.91
N LEU B 52 10.16 -10.84 -34.75
CA LEU B 52 8.71 -10.91 -34.58
C LEU B 52 8.21 -9.50 -34.28
N VAL B 53 7.44 -8.95 -35.20
CA VAL B 53 6.98 -7.56 -35.11
C VAL B 53 5.54 -7.55 -34.59
N PRO B 54 5.22 -6.80 -33.53
CA PRO B 54 3.83 -6.69 -33.08
C PRO B 54 3.07 -5.59 -33.81
N LEU B 55 1.98 -5.93 -34.48
CA LEU B 55 1.15 -4.97 -35.19
C LEU B 55 -0.13 -4.74 -34.41
N ALA B 56 -0.25 -3.57 -33.79
CA ALA B 56 -1.40 -3.26 -32.95
C ALA B 56 -2.49 -2.57 -33.76
N VAL B 57 -3.74 -3.01 -33.55
CA VAL B 57 -4.92 -2.38 -34.13
C VAL B 57 -5.96 -2.22 -33.01
N SER B 58 -6.61 -1.07 -32.97
CA SER B 58 -7.53 -0.80 -31.87
C SER B 58 -8.61 0.18 -32.31
N ALA B 59 -9.69 0.21 -31.53
CA ALA B 59 -10.82 1.10 -31.76
C ALA B 59 -11.68 1.11 -30.51
N PHE B 60 -12.69 1.98 -30.51
CA PHE B 60 -13.60 2.00 -29.37
C PHE B 60 -14.48 0.74 -29.34
N LEU B 61 -14.73 0.13 -30.50
CA LEU B 61 -15.62 -1.03 -30.63
C LEU B 61 -14.92 -2.10 -31.45
N THR B 62 -15.22 -3.36 -31.11
CA THR B 62 -14.68 -4.48 -31.88
C THR B 62 -15.11 -4.40 -33.33
N SER B 63 -16.36 -4.01 -33.58
CA SER B 63 -16.83 -3.90 -34.97
C SER B 63 -15.98 -2.93 -35.77
N ARG B 64 -15.61 -1.79 -35.15
CA ARG B 64 -14.74 -0.83 -35.82
C ARG B 64 -13.30 -1.33 -35.89
N LYS B 65 -12.84 -2.06 -34.87
CA LYS B 65 -11.50 -2.63 -34.92
C LYS B 65 -11.38 -3.61 -36.08
N LYS B 66 -12.41 -4.43 -36.30
CA LYS B 66 -12.39 -5.38 -37.42
C LYS B 66 -12.30 -4.68 -38.75
N ALA B 67 -13.08 -3.59 -38.92
CA ALA B 67 -12.97 -2.80 -40.14
C ALA B 67 -11.57 -2.22 -40.29
N ALA B 68 -10.98 -1.74 -39.20
CA ALA B 68 -9.62 -1.19 -39.28
C ALA B 68 -8.61 -2.25 -39.69
N ALA B 69 -8.75 -3.47 -39.15
CA ALA B 69 -7.82 -4.54 -39.50
C ALA B 69 -7.95 -4.94 -40.96
N ALA B 70 -9.19 -4.95 -41.48
CA ALA B 70 -9.42 -5.31 -42.87
C ALA B 70 -8.78 -4.31 -43.83
N GLU B 71 -8.88 -3.01 -43.54
CA GLU B 71 -8.29 -2.04 -44.45
C GLU B 71 -6.78 -1.97 -44.31
N LEU B 72 -6.23 -2.29 -43.13
CA LEU B 72 -4.78 -2.39 -43.01
C LEU B 72 -4.24 -3.55 -43.84
N ALA B 73 -4.92 -4.70 -43.81
CA ALA B 73 -4.51 -5.82 -44.65
C ALA B 73 -4.58 -5.45 -46.13
N ASP B 74 -5.68 -4.80 -46.55
CA ASP B 74 -5.79 -4.34 -47.92
C ASP B 74 -4.63 -3.41 -48.29
N TRP B 75 -4.29 -2.48 -47.41
CA TRP B 75 -3.20 -1.55 -47.71
C TRP B 75 -1.86 -2.27 -47.80
N MET B 76 -1.65 -3.30 -46.98
CA MET B 76 -0.38 -4.02 -47.04
C MET B 76 -0.25 -4.79 -48.35
N GLN B 77 -1.36 -5.17 -48.97
CA GLN B 77 -1.32 -5.83 -50.27
C GLN B 77 -1.11 -4.85 -51.43
N SER B 78 -1.32 -3.56 -51.19
CA SER B 78 -1.10 -2.55 -52.22
C SER B 78 0.41 -2.35 -52.43
N PRO B 79 0.79 -1.72 -53.54
CA PRO B 79 2.24 -1.51 -53.79
C PRO B 79 2.93 -0.71 -52.69
N GLU B 80 2.25 0.27 -52.11
CA GLU B 80 2.85 1.06 -51.04
C GLU B 80 3.08 0.22 -49.79
N GLY B 81 2.12 -0.63 -49.43
CA GLY B 81 2.30 -1.49 -48.27
C GLY B 81 3.35 -2.56 -48.49
N GLN B 82 3.40 -3.11 -49.70
CA GLN B 82 4.44 -4.08 -50.01
C GLN B 82 5.83 -3.47 -49.92
N ALA B 83 5.96 -2.18 -50.25
CA ALA B 83 7.26 -1.51 -50.19
C ALA B 83 7.61 -0.99 -48.80
N SER B 84 6.74 -1.18 -47.81
CA SER B 84 6.98 -0.70 -46.45
C SER B 84 7.48 -1.85 -45.58
N SER B 85 8.51 -1.57 -44.78
CA SER B 85 9.05 -2.59 -43.88
C SER B 85 8.07 -2.85 -42.74
N LEU B 86 8.00 -4.12 -42.31
CA LEU B 86 7.16 -4.49 -41.19
C LEU B 86 7.42 -3.60 -39.99
N GLU B 87 8.69 -3.31 -39.70
CA GLU B 87 9.04 -2.52 -38.53
C GLU B 87 8.44 -1.12 -38.60
N SER B 88 8.46 -0.49 -39.78
CA SER B 88 7.89 0.85 -39.90
C SER B 88 6.37 0.82 -39.87
N ILE B 89 5.77 -0.27 -40.34
CA ILE B 89 4.32 -0.45 -40.18
C ILE B 89 3.97 -0.57 -38.70
N GLY B 90 4.68 -1.44 -37.99
CA GLY B 90 4.45 -1.58 -36.56
C GLY B 90 4.67 -0.30 -35.79
N ARG B 91 5.73 0.45 -36.14
CA ARG B 91 6.00 1.70 -35.43
C ARG B 91 4.89 2.72 -35.68
N SER B 92 4.40 2.81 -36.92
CA SER B 92 3.30 3.74 -37.21
C SER B 92 2.06 3.38 -36.40
N LEU B 93 1.71 2.10 -36.37
CA LEU B 93 0.54 1.66 -35.61
C LEU B 93 0.71 1.96 -34.13
N SER B 94 1.92 1.83 -33.60
CA SER B 94 2.14 2.06 -32.19
C SER B 94 1.92 3.51 -31.80
N ARG B 95 2.00 4.45 -32.75
CA ARG B 95 1.81 5.86 -32.46
C ARG B 95 0.34 6.28 -32.48
N ARG B 96 -0.56 5.42 -32.91
N ARG B 96 -0.56 5.43 -32.94
CA ARG B 96 -1.98 5.73 -32.87
CA ARG B 96 -1.98 5.76 -32.88
C ARG B 96 -2.48 5.74 -31.43
C ARG B 96 -2.48 5.71 -31.44
N ASN B 97 -3.62 6.41 -31.22
N ASN B 97 -3.58 6.42 -31.20
CA ASN B 97 -4.35 6.25 -29.97
CA ASN B 97 -4.27 6.26 -29.92
C ASN B 97 -4.79 4.80 -29.83
C ASN B 97 -4.78 4.83 -29.81
N HIS B 98 -4.68 4.26 -28.61
CA HIS B 98 -4.98 2.86 -28.37
C HIS B 98 -6.28 2.76 -27.60
N GLY B 99 -7.34 2.34 -28.29
CA GLY B 99 -8.67 2.30 -27.74
C GLY B 99 -8.91 1.07 -26.90
N ARG B 100 -10.16 0.92 -26.47
CA ARG B 100 -10.51 -0.13 -25.51
C ARG B 100 -10.58 -1.51 -26.16
N SER B 101 -10.90 -1.60 -27.44
CA SER B 101 -10.93 -2.88 -28.14
C SER B 101 -9.63 -3.01 -28.93
N ARG B 102 -8.83 -4.02 -28.59
CA ARG B 102 -7.46 -4.11 -29.07
C ARG B 102 -7.18 -5.47 -29.68
N ALA B 103 -6.24 -5.48 -30.62
CA ALA B 103 -5.70 -6.70 -31.20
C ALA B 103 -4.24 -6.45 -31.54
N VAL B 104 -3.43 -7.51 -31.49
CA VAL B 104 -2.07 -7.48 -32.00
C VAL B 104 -1.91 -8.67 -32.93
N VAL B 105 -1.35 -8.42 -34.11
CA VAL B 105 -0.89 -9.47 -35.02
C VAL B 105 0.63 -9.57 -34.88
N LEU B 106 1.12 -10.76 -34.54
CA LEU B 106 2.56 -11.01 -34.41
C LEU B 106 3.06 -11.65 -35.70
N ALA B 107 3.97 -10.96 -36.40
CA ALA B 107 4.31 -11.36 -37.76
C ALA B 107 5.81 -11.25 -38.01
N HIS B 108 6.33 -12.20 -38.78
CA HIS B 108 7.70 -12.16 -39.25
C HIS B 108 7.83 -11.53 -40.63
N ASP B 109 6.78 -11.57 -41.44
CA ASP B 109 6.81 -11.04 -42.79
C ASP B 109 5.44 -10.48 -43.14
N HIS B 110 5.30 -10.00 -44.39
CA HIS B 110 4.04 -9.38 -44.82
C HIS B 110 2.92 -10.41 -44.94
N ASP B 111 3.22 -11.60 -45.45
CA ASP B 111 2.19 -12.63 -45.59
C ASP B 111 1.60 -13.00 -44.24
N GLU B 112 2.46 -13.20 -43.23
CA GLU B 112 1.97 -13.51 -41.88
C GLU B 112 1.14 -12.36 -41.33
N ALA B 113 1.56 -11.12 -41.59
CA ALA B 113 0.82 -9.96 -41.10
C ALA B 113 -0.56 -9.88 -41.74
N ILE B 114 -0.61 -10.00 -43.07
CA ILE B 114 -1.88 -9.93 -43.77
C ILE B 114 -2.80 -11.05 -43.32
N LYS B 115 -2.27 -12.27 -43.20
CA LYS B 115 -3.08 -13.40 -42.76
C LYS B 115 -3.65 -13.18 -41.35
N GLY B 116 -2.82 -12.66 -40.45
CA GLY B 116 -3.30 -12.38 -39.11
C GLY B 116 -4.35 -11.29 -39.08
N LEU B 117 -4.15 -10.23 -39.88
CA LEU B 117 -5.13 -9.15 -39.92
C LEU B 117 -6.45 -9.62 -40.52
N ARG B 118 -6.40 -10.51 -41.52
CA ARG B 118 -7.64 -11.10 -42.03
C ARG B 118 -8.36 -11.88 -40.94
N ALA B 119 -7.60 -12.54 -40.07
CA ALA B 119 -8.22 -13.25 -38.96
C ALA B 119 -8.88 -12.30 -37.98
N VAL B 120 -8.21 -11.19 -37.65
CA VAL B 120 -8.82 -10.18 -36.78
C VAL B 120 -10.10 -9.65 -37.40
N ALA B 121 -10.04 -9.30 -38.70
CA ALA B 121 -11.19 -8.74 -39.37
C ALA B 121 -12.34 -9.72 -39.42
N ALA B 122 -12.05 -11.02 -39.52
CA ALA B 122 -13.07 -12.05 -39.58
C ALA B 122 -13.52 -12.51 -38.20
N GLY B 123 -12.91 -12.00 -37.12
CA GLY B 123 -13.22 -12.49 -35.80
C GLY B 123 -12.82 -13.92 -35.56
N LYS B 124 -11.82 -14.41 -36.28
CA LYS B 124 -11.35 -15.79 -36.16
C LYS B 124 -10.06 -15.83 -35.34
N GLN B 125 -9.86 -16.95 -34.65
CA GLN B 125 -8.68 -17.14 -33.83
C GLN B 125 -7.49 -17.60 -34.67
N ALA B 126 -6.30 -17.24 -34.22
CA ALA B 126 -5.06 -17.67 -34.86
C ALA B 126 -3.95 -17.62 -33.82
N PRO B 127 -2.94 -18.49 -33.94
CA PRO B 127 -1.88 -18.52 -32.91
C PRO B 127 -1.16 -17.20 -32.74
N ASN B 128 -0.92 -16.48 -33.83
CA ASN B 128 -0.17 -15.23 -33.79
C ASN B 128 -1.06 -14.00 -33.60
N VAL B 129 -2.31 -14.19 -33.21
CA VAL B 129 -3.28 -13.11 -33.05
C VAL B 129 -3.83 -13.14 -31.63
N PHE B 130 -3.75 -12.00 -30.94
CA PHE B 130 -4.46 -11.78 -29.68
C PHE B 130 -5.43 -10.62 -29.86
N SER B 131 -6.65 -10.76 -29.31
CA SER B 131 -7.71 -9.79 -29.54
C SER B 131 -8.78 -9.95 -28.47
N VAL B 132 -9.22 -8.83 -27.89
CA VAL B 132 -10.37 -8.82 -26.98
C VAL B 132 -11.28 -7.64 -27.30
N ASP B 133 -12.52 -7.75 -26.80
CA ASP B 133 -13.54 -6.73 -27.06
C ASP B 133 -13.35 -5.48 -26.21
N GLY B 134 -12.75 -5.63 -25.04
CA GLY B 134 -12.53 -4.53 -24.12
C GLY B 134 -11.53 -4.93 -23.06
N PRO B 135 -11.12 -3.97 -22.23
CA PRO B 135 -10.00 -4.23 -21.31
C PRO B 135 -10.37 -5.15 -20.16
N VAL B 136 -9.40 -5.96 -19.74
CA VAL B 136 -9.49 -6.65 -18.46
C VAL B 136 -9.37 -5.63 -17.35
N THR B 137 -10.33 -5.64 -16.42
CA THR B 137 -10.49 -4.55 -15.47
C THR B 137 -9.80 -4.78 -14.13
N THR B 138 -9.21 -5.96 -13.91
CA THR B 138 -8.32 -6.18 -12.77
C THR B 138 -6.93 -6.51 -13.29
N GLY B 139 -5.91 -5.92 -12.65
CA GLY B 139 -4.54 -6.04 -13.09
C GLY B 139 -3.96 -7.45 -12.97
N PRO B 140 -2.79 -7.68 -13.56
CA PRO B 140 -2.27 -9.04 -13.65
C PRO B 140 -1.64 -9.51 -12.35
N VAL B 141 -1.69 -10.82 -12.15
CA VAL B 141 -0.95 -11.47 -11.08
C VAL B 141 0.36 -11.98 -11.66
N TRP B 142 1.49 -11.55 -11.09
CA TRP B 142 2.79 -12.04 -11.51
C TRP B 142 3.10 -13.32 -10.75
N VAL B 143 3.37 -14.40 -11.48
CA VAL B 143 3.68 -15.70 -10.90
C VAL B 143 5.21 -15.84 -10.84
N LEU B 144 5.73 -16.03 -9.64
CA LEU B 144 7.17 -16.19 -9.38
C LEU B 144 7.36 -17.61 -8.84
N ALA B 145 7.67 -18.55 -9.74
CA ALA B 145 7.82 -19.96 -9.37
C ALA B 145 9.26 -20.35 -9.66
N GLY B 146 9.49 -21.31 -10.55
CA GLY B 146 10.82 -21.68 -10.99
C GLY B 146 11.21 -23.12 -10.74
N PHE B 147 10.59 -23.79 -9.76
CA PHE B 147 10.90 -25.18 -9.49
C PHE B 147 10.64 -26.04 -10.73
N GLY B 148 11.65 -26.80 -11.14
CA GLY B 148 11.54 -27.63 -12.32
C GLY B 148 11.58 -26.89 -13.64
N ALA B 149 11.86 -25.60 -13.63
CA ALA B 149 11.85 -24.79 -14.84
C ALA B 149 13.23 -24.61 -15.47
N GLN B 150 14.28 -25.04 -14.79
CA GLN B 150 15.65 -24.80 -15.28
C GLN B 150 15.93 -25.58 -16.56
N HIS B 151 16.84 -25.03 -17.36
CA HIS B 151 17.43 -25.75 -18.48
C HIS B 151 18.78 -25.10 -18.76
N ARG B 152 19.60 -25.83 -19.54
CA ARG B 152 21.03 -25.54 -19.59
C ARG B 152 21.31 -24.11 -20.06
N LYS B 153 20.68 -23.68 -21.15
CA LYS B 153 21.00 -22.39 -21.76
C LYS B 153 19.98 -21.31 -21.41
N MET B 154 19.28 -21.45 -20.29
CA MET B 154 18.22 -20.50 -19.94
C MET B 154 18.78 -19.10 -19.76
N GLY B 155 18.10 -18.11 -20.35
CA GLY B 155 18.45 -16.72 -20.20
C GLY B 155 19.66 -16.24 -20.98
N LYS B 156 20.40 -17.15 -21.62
CA LYS B 156 21.63 -16.75 -22.30
C LYS B 156 21.32 -15.92 -23.54
N SER B 157 20.44 -16.41 -24.40
CA SER B 157 20.10 -15.67 -25.62
C SER B 157 19.58 -14.27 -25.31
N LEU B 158 18.71 -14.14 -24.30
CA LEU B 158 18.16 -12.82 -24.00
C LEU B 158 19.20 -11.93 -23.33
N TYR B 159 20.14 -12.52 -22.59
CA TYR B 159 21.23 -11.72 -22.02
C TYR B 159 22.07 -11.08 -23.14
N LEU B 160 22.32 -11.84 -24.20
CA LEU B 160 23.15 -11.36 -25.29
C LEU B 160 22.44 -10.36 -26.19
N ARG B 161 21.10 -10.34 -26.19
CA ARG B 161 20.35 -9.60 -27.19
C ARG B 161 19.44 -8.53 -26.62
N ASN B 162 19.34 -8.39 -25.29
CA ASN B 162 18.50 -7.36 -24.69
C ASN B 162 19.28 -6.68 -23.59
N GLU B 163 19.51 -5.37 -23.75
CA GLU B 163 20.41 -4.64 -22.85
C GLU B 163 19.78 -4.36 -21.49
N VAL B 164 18.46 -4.17 -21.45
CA VAL B 164 17.79 -3.97 -20.16
C VAL B 164 17.87 -5.25 -19.33
N PHE B 165 17.57 -6.38 -19.95
CA PHE B 165 17.68 -7.67 -19.27
C PHE B 165 19.11 -7.93 -18.82
N ALA B 166 20.09 -7.66 -19.69
CA ALA B 166 21.49 -7.82 -19.31
C ALA B 166 21.85 -6.97 -18.11
N ALA B 167 21.37 -5.72 -18.07
CA ALA B 167 21.71 -4.82 -16.99
C ALA B 167 21.30 -5.37 -15.64
N TRP B 168 20.10 -5.97 -15.57
CA TRP B 168 19.62 -6.48 -14.29
C TRP B 168 20.25 -7.82 -13.95
N ILE B 169 20.56 -8.65 -14.95
CA ILE B 169 21.30 -9.88 -14.71
C ILE B 169 22.64 -9.55 -14.06
N GLU B 170 23.34 -8.53 -14.57
CA GLU B 170 24.63 -8.15 -14.00
C GLU B 170 24.48 -7.56 -12.61
N LYS B 171 23.40 -6.82 -12.36
CA LYS B 171 23.17 -6.30 -11.02
C LYS B 171 23.00 -7.44 -10.02
N VAL B 172 22.20 -8.45 -10.36
CA VAL B 172 22.03 -9.59 -9.46
C VAL B 172 23.32 -10.39 -9.36
N ASP B 173 24.00 -10.60 -10.50
CA ASP B 173 25.29 -11.27 -10.49
C ASP B 173 26.27 -10.61 -9.53
N ALA B 174 26.25 -9.28 -9.47
CA ALA B 174 27.15 -8.57 -8.56
C ALA B 174 26.77 -8.82 -7.10
N LEU B 175 25.46 -8.85 -6.81
CA LEU B 175 25.02 -9.12 -5.44
C LEU B 175 25.31 -10.55 -5.03
N VAL B 176 25.17 -11.50 -5.96
CA VAL B 176 25.45 -12.90 -5.63
C VAL B 176 26.94 -13.14 -5.45
N GLN B 177 27.77 -12.52 -6.30
CA GLN B 177 29.21 -12.52 -6.08
C GLN B 177 29.54 -12.05 -4.68
N ASP B 178 28.90 -10.97 -4.23
CA ASP B 178 29.15 -10.45 -2.90
C ASP B 178 28.68 -11.40 -1.80
N GLU B 179 27.57 -12.11 -2.03
CA GLU B 179 27.00 -12.98 -1.02
C GLU B 179 27.63 -14.38 -1.00
N LEU B 180 27.86 -14.96 -2.17
CA LEU B 180 28.30 -16.34 -2.27
C LEU B 180 29.68 -16.52 -2.89
N GLY B 181 30.25 -15.48 -3.48
CA GLY B 181 31.61 -15.58 -4.00
C GLY B 181 31.75 -16.22 -5.35
N TYR B 182 30.68 -16.28 -6.15
CA TYR B 182 30.81 -16.77 -7.52
C TYR B 182 29.80 -16.03 -8.41
N SER B 183 29.93 -16.23 -9.72
CA SER B 183 29.22 -15.45 -10.71
C SER B 183 28.19 -16.31 -11.44
N VAL B 184 26.91 -15.95 -11.28
CA VAL B 184 25.87 -16.68 -12.03
C VAL B 184 25.98 -16.37 -13.51
N LEU B 185 26.48 -15.19 -13.88
CA LEU B 185 26.60 -14.86 -15.30
C LEU B 185 27.53 -15.83 -16.01
N GLU B 186 28.60 -16.26 -15.33
CA GLU B 186 29.47 -17.29 -15.89
C GLU B 186 28.68 -18.57 -16.17
N LEU B 187 27.77 -18.93 -15.26
CA LEU B 187 26.97 -20.13 -15.47
C LEU B 187 26.07 -19.98 -16.68
N ILE B 188 25.42 -18.83 -16.81
CA ILE B 188 24.50 -18.59 -17.93
C ILE B 188 25.23 -18.68 -19.26
N LEU B 189 26.39 -18.05 -19.35
CA LEU B 189 27.10 -17.93 -20.63
C LEU B 189 27.83 -19.19 -21.04
N ASP B 190 28.04 -20.14 -20.13
CA ASP B 190 28.86 -21.33 -20.36
C ASP B 190 27.95 -22.52 -20.67
N ASP B 191 27.94 -22.95 -21.93
CA ASP B 191 27.11 -24.09 -22.32
C ASP B 191 27.60 -25.40 -21.73
N ALA B 192 28.87 -25.49 -21.36
CA ALA B 192 29.39 -26.73 -20.76
C ALA B 192 29.04 -26.86 -19.29
N GLN B 193 28.46 -25.83 -18.69
CA GLN B 193 28.13 -25.81 -17.27
C GLN B 193 26.64 -26.03 -17.10
N ASP B 194 26.27 -26.91 -16.18
CA ASP B 194 24.87 -27.15 -15.85
C ASP B 194 24.63 -26.76 -14.39
N TYR B 195 23.37 -26.84 -13.97
CA TYR B 195 22.92 -26.30 -12.70
C TYR B 195 22.64 -27.40 -11.69
N GLY B 196 22.84 -27.08 -10.41
CA GLY B 196 22.56 -28.01 -9.34
C GLY B 196 21.55 -27.47 -8.34
N ILE B 197 21.53 -28.02 -7.13
CA ILE B 197 20.55 -27.58 -6.13
C ILE B 197 20.69 -26.09 -5.86
N GLU B 198 21.92 -25.63 -5.62
CA GLU B 198 22.14 -24.24 -5.23
C GLU B 198 22.09 -23.31 -6.42
N THR B 199 22.79 -23.64 -7.50
CA THR B 199 22.93 -22.69 -8.60
C THR B 199 21.63 -22.52 -9.38
N THR B 200 20.76 -23.54 -9.37
CA THR B 200 19.46 -23.38 -10.02
C THR B 200 18.67 -22.25 -9.39
N GLN B 201 18.71 -22.14 -8.06
CA GLN B 201 17.88 -21.18 -7.36
C GLN B 201 18.35 -19.75 -7.60
N VAL B 202 19.65 -19.51 -7.41
CA VAL B 202 20.15 -18.14 -7.57
C VAL B 202 20.09 -17.69 -9.02
N THR B 203 20.21 -18.63 -9.97
CA THR B 203 20.21 -18.23 -11.37
C THR B 203 18.80 -17.96 -11.88
N ILE B 204 17.84 -18.83 -11.55
CA ILE B 204 16.44 -18.53 -11.86
C ILE B 204 16.03 -17.22 -11.22
N PHE B 205 16.43 -17.01 -9.95
CA PHE B 205 16.14 -15.75 -9.28
C PHE B 205 16.64 -14.57 -10.09
N ALA B 206 17.90 -14.64 -10.55
CA ALA B 206 18.43 -13.57 -11.40
C ALA B 206 17.58 -13.37 -12.65
N ILE B 207 17.15 -14.47 -13.27
CA ILE B 207 16.36 -14.39 -14.49
C ILE B 207 14.98 -13.81 -14.19
N GLN B 208 14.39 -14.17 -13.04
CA GLN B 208 13.10 -13.64 -12.65
C GLN B 208 13.18 -12.14 -12.38
N ILE B 209 14.22 -11.70 -11.66
CA ILE B 209 14.40 -10.28 -11.39
C ILE B 209 14.55 -9.51 -12.70
N ALA B 210 15.40 -10.02 -13.59
CA ALA B 210 15.69 -9.29 -14.83
C ALA B 210 14.49 -9.27 -15.76
N LEU B 211 13.74 -10.37 -15.83
CA LEU B 211 12.53 -10.39 -16.64
C LEU B 211 11.51 -9.39 -16.13
N GLY B 212 11.31 -9.34 -14.81
CA GLY B 212 10.31 -8.43 -14.27
C GLY B 212 10.68 -6.97 -14.43
N GLU B 213 11.97 -6.64 -14.29
CA GLU B 213 12.38 -5.26 -14.49
C GLU B 213 12.39 -4.88 -15.96
N LEU B 214 12.60 -5.85 -16.86
CA LEU B 214 12.41 -5.61 -18.27
C LEU B 214 10.95 -5.25 -18.58
N LEU B 215 10.01 -5.95 -17.95
CA LEU B 215 8.59 -5.64 -18.13
C LEU B 215 8.28 -4.26 -17.57
N ARG B 216 8.77 -3.94 -16.37
CA ARG B 216 8.55 -2.62 -15.81
C ARG B 216 9.14 -1.53 -16.68
N HIS B 217 10.27 -1.82 -17.33
CA HIS B 217 10.88 -0.85 -18.25
C HIS B 217 9.93 -0.48 -19.38
N HIS B 218 9.16 -1.44 -19.87
CA HIS B 218 8.17 -1.20 -20.92
C HIS B 218 6.82 -0.77 -20.37
N GLY B 219 6.75 -0.36 -19.10
CA GLY B 219 5.54 0.20 -18.55
C GLY B 219 4.63 -0.76 -17.80
N ALA B 220 5.04 -2.01 -17.59
CA ALA B 220 4.18 -2.97 -16.91
C ALA B 220 4.41 -2.94 -15.40
N LYS B 221 3.43 -3.46 -14.65
CA LYS B 221 3.54 -3.55 -13.21
C LYS B 221 2.55 -4.60 -12.71
N PRO B 222 2.89 -5.34 -11.66
CA PRO B 222 1.93 -6.30 -11.10
C PRO B 222 0.87 -5.60 -10.27
N ALA B 223 -0.37 -6.09 -10.41
CA ALA B 223 -1.38 -5.76 -9.40
C ALA B 223 -1.23 -6.63 -8.17
N ALA B 224 -0.72 -7.85 -8.34
CA ALA B 224 -0.46 -8.75 -7.22
C ALA B 224 0.62 -9.74 -7.65
N VAL B 225 1.27 -10.36 -6.67
CA VAL B 225 2.23 -11.41 -6.92
C VAL B 225 1.80 -12.66 -6.18
N ILE B 226 2.22 -13.81 -6.70
CA ILE B 226 2.13 -15.09 -6.02
C ILE B 226 3.44 -15.82 -6.22
N GLY B 227 3.99 -16.37 -5.14
CA GLY B 227 5.23 -17.11 -5.20
C GLY B 227 5.02 -18.61 -5.08
N GLN B 228 5.98 -19.35 -5.61
CA GLN B 228 6.01 -20.80 -5.48
C GLN B 228 7.44 -21.26 -5.28
N SER B 229 7.73 -21.84 -4.12
CA SER B 229 9.00 -22.53 -3.87
C SER B 229 10.14 -21.54 -3.97
N LEU B 230 11.14 -21.77 -4.82
CA LEU B 230 12.28 -20.87 -4.87
C LEU B 230 11.89 -19.47 -5.33
N GLY B 231 10.76 -19.33 -6.04
CA GLY B 231 10.36 -18.04 -6.55
C GLY B 231 9.92 -17.05 -5.48
N GLU B 232 9.76 -17.50 -4.24
CA GLU B 232 9.23 -16.63 -3.19
C GLU B 232 10.11 -15.40 -2.99
N ALA B 233 11.43 -15.55 -3.12
CA ALA B 233 12.33 -14.42 -2.94
C ALA B 233 12.08 -13.35 -3.98
N ALA B 234 11.98 -13.74 -5.25
CA ALA B 234 11.69 -12.77 -6.29
C ALA B 234 10.31 -12.15 -6.11
N SER B 235 9.35 -12.93 -5.59
CA SER B 235 8.02 -12.36 -5.37
C SER B 235 8.02 -11.33 -4.26
N ALA B 236 8.88 -11.51 -3.24
CA ALA B 236 8.99 -10.50 -2.19
C ALA B 236 9.55 -9.19 -2.74
N TYR B 237 10.48 -9.28 -3.70
CA TYR B 237 11.04 -8.07 -4.29
C TYR B 237 9.99 -7.32 -5.08
N PHE B 238 9.31 -7.99 -6.01
CA PHE B 238 8.33 -7.31 -6.85
C PHE B 238 7.09 -6.88 -6.07
N ALA B 239 6.85 -7.46 -4.91
CA ALA B 239 5.78 -6.97 -4.05
C ALA B 239 6.24 -5.83 -3.15
N GLY B 240 7.50 -5.40 -3.26
CA GLY B 240 8.00 -4.36 -2.39
C GLY B 240 8.18 -4.76 -0.94
N GLY B 241 8.28 -6.06 -0.67
CA GLY B 241 8.46 -6.54 0.68
C GLY B 241 9.91 -6.56 1.11
N LEU B 242 10.83 -6.64 0.15
CA LEU B 242 12.25 -6.63 0.43
C LEU B 242 12.98 -5.91 -0.69
N SER B 243 14.05 -5.20 -0.32
CA SER B 243 14.96 -4.64 -1.31
C SER B 243 15.60 -5.76 -2.13
N LEU B 244 16.18 -5.38 -3.27
CA LEU B 244 16.87 -6.38 -4.10
C LEU B 244 18.01 -7.05 -3.32
N ARG B 245 18.72 -6.27 -2.50
CA ARG B 245 19.80 -6.83 -1.69
C ARG B 245 19.26 -7.87 -0.71
N ASP B 246 18.20 -7.51 0.02
CA ASP B 246 17.65 -8.44 1.01
C ASP B 246 16.97 -9.63 0.36
N ALA B 247 16.32 -9.41 -0.79
CA ALA B 247 15.74 -10.54 -1.52
C ALA B 247 16.82 -11.48 -2.01
N THR B 248 17.98 -10.93 -2.39
CA THR B 248 19.10 -11.77 -2.82
C THR B 248 19.69 -12.54 -1.64
N ARG B 249 19.74 -11.93 -0.46
CA ARG B 249 20.17 -12.65 0.73
C ARG B 249 19.24 -13.81 1.04
N ALA B 250 17.93 -13.62 0.81
CA ALA B 250 16.98 -14.69 1.04
C ALA B 250 17.27 -15.89 0.16
N ILE B 251 17.42 -15.67 -1.15
CA ILE B 251 17.65 -16.79 -2.06
C ILE B 251 19.05 -17.37 -1.89
N CYS B 252 20.05 -16.54 -1.56
CA CYS B 252 21.42 -17.03 -1.42
C CYS B 252 21.57 -17.89 -0.17
N SER B 253 21.08 -17.41 0.98
CA SER B 253 21.20 -18.18 2.22
C SER B 253 20.48 -19.50 2.09
N ARG B 254 19.27 -19.45 1.53
CA ARG B 254 18.44 -20.64 1.36
C ARG B 254 19.10 -21.65 0.44
N SER B 255 19.62 -21.18 -0.71
CA SER B 255 20.08 -22.11 -1.75
C SER B 255 21.37 -22.81 -1.35
N HIS B 256 22.32 -22.09 -0.74
CA HIS B 256 23.59 -22.74 -0.45
C HIS B 256 23.48 -23.69 0.75
N LEU B 257 22.64 -23.35 1.73
CA LEU B 257 22.35 -24.29 2.81
C LEU B 257 21.67 -25.56 2.29
N MET B 258 20.73 -25.41 1.36
CA MET B 258 20.07 -26.58 0.78
C MET B 258 21.04 -27.39 -0.08
N GLY B 259 21.86 -26.69 -0.87
CA GLY B 259 22.75 -27.39 -1.79
C GLY B 259 23.77 -28.25 -1.07
N GLU B 260 24.34 -27.74 0.01
CA GLU B 260 25.37 -28.50 0.70
C GLU B 260 24.78 -29.51 1.68
N GLY B 261 23.57 -29.27 2.19
CA GLY B 261 22.88 -30.31 2.93
C GLY B 261 22.45 -31.46 2.04
N GLU B 262 21.96 -31.15 0.84
CA GLU B 262 21.55 -32.20 -0.09
C GLU B 262 22.74 -33.05 -0.54
N ALA B 263 23.92 -32.44 -0.62
CA ALA B 263 25.11 -33.19 -1.05
C ALA B 263 25.51 -34.26 -0.05
N MET B 264 25.10 -34.13 1.22
CA MET B 264 25.50 -35.06 2.27
C MET B 264 24.43 -36.09 2.62
N LEU B 265 23.36 -36.17 1.83
CA LEU B 265 22.31 -37.15 2.09
C LEU B 265 22.67 -38.50 1.48
N PHE B 266 22.28 -39.57 2.16
CA PHE B 266 22.63 -40.91 1.71
C PHE B 266 21.64 -41.91 2.28
N GLY B 267 21.61 -43.09 1.67
CA GLY B 267 20.94 -44.24 2.25
C GLY B 267 19.48 -43.97 2.55
N GLU B 268 19.09 -44.26 3.80
CA GLU B 268 17.70 -44.08 4.20
C GLU B 268 17.23 -42.64 4.05
N TYR B 269 18.14 -41.68 4.16
CA TYR B 269 17.77 -40.27 4.21
C TYR B 269 17.40 -39.69 2.85
N ILE B 270 17.74 -40.36 1.76
CA ILE B 270 17.54 -39.79 0.43
C ILE B 270 16.06 -39.64 0.16
N ARG B 271 15.66 -38.46 -0.33
CA ARG B 271 14.30 -38.19 -0.75
C ARG B 271 14.33 -37.65 -2.17
N LEU B 272 13.61 -38.29 -3.07
CA LEU B 272 13.41 -37.76 -4.41
C LEU B 272 12.21 -36.81 -4.42
N MET B 273 12.27 -35.82 -5.31
CA MET B 273 11.13 -34.95 -5.56
C MET B 273 10.62 -35.23 -6.97
N ALA B 274 9.30 -35.13 -7.15
CA ALA B 274 8.68 -35.41 -8.44
C ALA B 274 7.39 -34.64 -8.59
N LEU B 275 7.15 -34.15 -9.82
CA LEU B 275 5.86 -33.60 -10.20
C LEU B 275 5.05 -34.70 -10.87
N VAL B 276 3.88 -35.01 -10.31
CA VAL B 276 3.07 -36.11 -10.79
C VAL B 276 1.62 -35.64 -10.93
N GLU B 277 0.92 -36.22 -11.90
CA GLU B 277 -0.48 -35.89 -12.17
C GLU B 277 -1.40 -36.69 -11.25
N TYR B 278 -1.26 -36.41 -9.95
CA TYR B 278 -2.16 -36.93 -8.93
C TYR B 278 -2.47 -35.81 -7.95
N SER B 279 -3.70 -35.78 -7.47
CA SER B 279 -4.07 -34.82 -6.43
C SER B 279 -3.44 -35.21 -5.10
N ALA B 280 -3.43 -34.26 -4.17
CA ALA B 280 -2.90 -34.54 -2.84
C ALA B 280 -3.70 -35.65 -2.16
N ASP B 281 -5.02 -35.66 -2.35
CA ASP B 281 -5.85 -36.71 -1.77
C ASP B 281 -5.49 -38.07 -2.34
N GLU B 282 -5.23 -38.14 -3.65
CA GLU B 282 -4.83 -39.41 -4.26
C GLU B 282 -3.46 -39.86 -3.75
N ILE B 283 -2.53 -38.92 -3.54
CA ILE B 283 -1.23 -39.28 -2.98
C ILE B 283 -1.41 -39.89 -1.60
N ARG B 284 -2.32 -39.33 -0.81
CA ARG B 284 -2.48 -39.75 0.58
C ARG B 284 -3.23 -41.07 0.71
N GLU B 285 -4.30 -41.25 -0.08
CA GLU B 285 -5.20 -42.38 0.09
C GLU B 285 -5.01 -43.47 -0.95
N VAL B 286 -5.04 -43.12 -2.24
CA VAL B 286 -4.86 -44.13 -3.28
C VAL B 286 -3.49 -44.80 -3.14
N PHE B 287 -2.46 -44.03 -2.81
CA PHE B 287 -1.12 -44.57 -2.63
C PHE B 287 -0.75 -44.69 -1.16
N SER B 288 -1.69 -45.17 -0.33
CA SER B 288 -1.44 -45.30 1.10
C SER B 288 -0.43 -46.40 1.41
N ASP B 289 -0.17 -47.30 0.47
CA ASP B 289 0.89 -48.29 0.63
C ASP B 289 2.28 -47.68 0.67
N PHE B 290 2.42 -46.41 0.28
CA PHE B 290 3.69 -45.70 0.27
C PHE B 290 3.58 -44.57 1.29
N PRO B 291 3.76 -44.87 2.58
CA PRO B 291 3.41 -43.91 3.63
C PRO B 291 4.40 -42.77 3.81
N ASP B 292 5.54 -42.81 3.15
CA ASP B 292 6.55 -41.78 3.33
C ASP B 292 6.53 -40.73 2.21
N LEU B 293 5.57 -40.81 1.31
CA LEU B 293 5.35 -39.72 0.37
C LEU B 293 4.77 -38.52 1.10
N GLU B 294 5.29 -37.34 0.80
CA GLU B 294 4.80 -36.10 1.36
C GLU B 294 4.43 -35.15 0.23
N VAL B 295 3.49 -34.24 0.50
CA VAL B 295 3.14 -33.19 -0.45
C VAL B 295 4.07 -32.00 -0.18
N CYS B 296 4.86 -31.65 -1.18
CA CYS B 296 5.72 -30.48 -1.10
C CYS B 296 5.04 -29.23 -1.67
N VAL B 297 4.45 -29.36 -2.86
CA VAL B 297 3.72 -28.26 -3.49
C VAL B 297 2.35 -28.77 -3.91
N TYR B 298 1.30 -28.09 -3.43
CA TYR B 298 -0.05 -28.25 -3.98
C TYR B 298 -0.07 -27.46 -5.28
N ALA B 299 0.28 -28.12 -6.39
CA ALA B 299 0.55 -27.39 -7.63
C ALA B 299 -0.74 -27.06 -8.37
N ALA B 300 -1.58 -28.06 -8.59
CA ALA B 300 -2.86 -27.92 -9.27
C ALA B 300 -3.85 -28.85 -8.58
N PRO B 301 -5.15 -28.75 -8.88
CA PRO B 301 -6.09 -29.73 -8.31
C PRO B 301 -5.70 -31.16 -8.61
N THR B 302 -5.08 -31.43 -9.76
CA THR B 302 -4.74 -32.78 -10.19
C THR B 302 -3.24 -33.00 -10.34
N GLN B 303 -2.39 -32.08 -9.85
CA GLN B 303 -0.95 -32.24 -9.95
C GLN B 303 -0.29 -31.81 -8.65
N THR B 304 0.72 -32.57 -8.23
CA THR B 304 1.36 -32.37 -6.94
C THR B 304 2.86 -32.58 -7.08
N VAL B 305 3.63 -31.72 -6.43
CA VAL B 305 5.05 -31.97 -6.22
C VAL B 305 5.18 -32.77 -4.94
N ILE B 306 5.68 -33.99 -5.05
CA ILE B 306 5.80 -34.90 -3.91
C ILE B 306 7.28 -35.11 -3.59
N GLY B 307 7.55 -35.43 -2.33
CA GLY B 307 8.84 -35.92 -1.93
C GLY B 307 8.69 -37.28 -1.24
N GLY B 308 9.70 -38.12 -1.40
CA GLY B 308 9.68 -39.41 -0.75
C GLY B 308 10.89 -40.26 -1.05
N PRO B 309 10.98 -41.41 -0.37
CA PRO B 309 12.11 -42.30 -0.60
C PRO B 309 12.08 -42.81 -2.02
N PRO B 310 13.25 -43.14 -2.59
CA PRO B 310 13.32 -43.43 -4.03
C PRO B 310 12.40 -44.55 -4.47
N GLU B 311 12.29 -45.64 -3.71
CA GLU B 311 11.45 -46.75 -4.14
C GLU B 311 9.98 -46.36 -4.17
N GLN B 312 9.55 -45.50 -3.25
CA GLN B 312 8.16 -45.10 -3.20
C GLN B 312 7.83 -44.08 -4.29
N VAL B 313 8.73 -43.12 -4.52
CA VAL B 313 8.54 -42.18 -5.63
C VAL B 313 8.57 -42.91 -6.96
N ASP B 314 9.53 -43.83 -7.13
CA ASP B 314 9.60 -44.60 -8.38
C ASP B 314 8.34 -45.42 -8.60
N ALA B 315 7.65 -45.83 -7.53
CA ALA B 315 6.38 -46.53 -7.69
C ALA B 315 5.31 -45.60 -8.24
N ILE B 316 5.26 -44.35 -7.77
CA ILE B 316 4.30 -43.38 -8.29
C ILE B 316 4.54 -43.15 -9.77
N LEU B 317 5.81 -42.91 -10.13
CA LEU B 317 6.14 -42.66 -11.53
C LEU B 317 5.73 -43.83 -12.41
N ALA B 318 5.95 -45.06 -11.94
CA ALA B 318 5.58 -46.23 -12.73
C ALA B 318 4.07 -46.35 -12.90
N ARG B 319 3.31 -46.09 -11.85
CA ARG B 319 1.85 -46.12 -11.96
C ARG B 319 1.35 -45.04 -12.89
N ALA B 320 1.87 -43.82 -12.75
CA ALA B 320 1.47 -42.73 -13.62
C ALA B 320 1.83 -43.02 -15.07
N GLU B 321 3.03 -43.57 -15.29
CA GLU B 321 3.44 -43.93 -16.64
C GLU B 321 2.52 -45.00 -17.22
N ALA B 322 2.05 -45.93 -16.39
CA ALA B 322 1.16 -46.97 -16.86
C ALA B 322 -0.28 -46.48 -17.05
N GLU B 323 -0.61 -45.32 -16.51
CA GLU B 323 -1.93 -44.73 -16.69
C GLU B 323 -1.91 -43.56 -17.66
N GLY B 324 -0.79 -43.31 -18.32
CA GLY B 324 -0.70 -42.19 -19.23
C GLY B 324 -0.76 -40.83 -18.58
N LYS B 325 -0.45 -40.74 -17.29
CA LYS B 325 -0.46 -39.48 -16.55
C LYS B 325 0.95 -38.88 -16.51
N PHE B 326 1.00 -37.56 -16.41
CA PHE B 326 2.29 -36.88 -16.39
C PHE B 326 3.05 -37.23 -15.12
N ALA B 327 4.35 -37.50 -15.26
CA ALA B 327 5.21 -37.80 -14.13
C ALA B 327 6.63 -37.40 -14.50
N ARG B 328 7.29 -36.69 -13.60
CA ARG B 328 8.63 -36.18 -13.88
C ARG B 328 9.38 -36.05 -12.56
N LYS B 329 10.49 -36.76 -12.41
CA LYS B 329 11.28 -36.66 -11.19
C LYS B 329 12.50 -35.79 -11.42
N PHE B 330 12.94 -35.14 -10.35
CA PHE B 330 13.97 -34.12 -10.44
C PHE B 330 15.28 -34.61 -9.83
N ALA B 331 16.37 -33.94 -10.23
CA ALA B 331 17.72 -34.30 -9.80
C ALA B 331 17.95 -33.73 -8.41
N THR B 332 17.48 -34.46 -7.39
CA THR B 332 17.70 -34.05 -6.01
C THR B 332 17.60 -35.28 -5.12
N LYS B 333 18.43 -35.29 -4.07
CA LYS B 333 18.39 -36.30 -3.01
C LYS B 333 17.72 -35.77 -1.75
N GLY B 334 17.34 -34.50 -1.74
CA GLY B 334 16.65 -33.91 -0.62
C GLY B 334 15.29 -33.37 -1.04
N ALA B 335 14.38 -33.23 -0.08
CA ALA B 335 13.02 -32.77 -0.35
C ALA B 335 12.78 -31.50 0.45
N SER B 336 12.78 -30.36 -0.24
CA SER B 336 12.36 -29.12 0.39
C SER B 336 10.89 -29.22 0.81
N HIS B 337 10.48 -28.29 1.69
CA HIS B 337 9.10 -28.20 2.17
C HIS B 337 8.67 -29.46 2.93
N THR B 338 9.64 -30.13 3.56
CA THR B 338 9.41 -31.26 4.44
C THR B 338 10.28 -31.07 5.68
N SER B 339 10.17 -32.03 6.63
CA SER B 339 10.94 -31.97 7.87
C SER B 339 12.44 -32.14 7.64
N GLN B 340 12.83 -32.64 6.46
CA GLN B 340 14.25 -32.76 6.13
C GLN B 340 14.97 -31.42 6.16
N MET B 341 14.23 -30.32 6.08
CA MET B 341 14.80 -28.98 6.13
C MET B 341 15.09 -28.50 7.55
N ASP B 342 14.53 -29.16 8.57
CA ASP B 342 14.74 -28.75 9.97
C ASP B 342 16.20 -28.45 10.33
N PRO B 343 17.19 -29.27 9.95
CA PRO B 343 18.58 -28.97 10.37
C PRO B 343 19.16 -27.71 9.74
N LEU B 344 18.47 -27.08 8.79
CA LEU B 344 18.97 -25.86 8.16
C LEU B 344 18.40 -24.59 8.77
N LEU B 345 17.32 -24.70 9.55
CA LEU B 345 16.58 -23.51 9.96
C LEU B 345 17.39 -22.64 10.93
N GLY B 346 18.23 -23.24 11.76
CA GLY B 346 19.01 -22.45 12.70
C GLY B 346 20.05 -21.59 12.01
N GLU B 347 20.76 -22.18 11.03
CA GLU B 347 21.75 -21.40 10.28
C GLU B 347 21.08 -20.41 9.34
N LEU B 348 19.92 -20.76 8.77
CA LEU B 348 19.17 -19.80 7.96
C LEU B 348 18.75 -18.59 8.79
N THR B 349 18.28 -18.83 10.02
CA THR B 349 17.95 -17.75 10.93
C THR B 349 19.13 -16.81 11.12
N ALA B 350 20.33 -17.37 11.29
CA ALA B 350 21.51 -16.54 11.55
C ALA B 350 21.91 -15.74 10.31
N GLU B 351 21.85 -16.36 9.13
CA GLU B 351 22.31 -15.70 7.92
C GLU B 351 21.35 -14.63 7.42
N LEU B 352 20.09 -14.64 7.87
CA LEU B 352 19.10 -13.65 7.47
C LEU B 352 18.93 -12.53 8.48
N GLN B 353 19.69 -12.54 9.57
CA GLN B 353 19.63 -11.44 10.52
C GLN B 353 20.04 -10.14 9.84
N GLY B 354 19.25 -9.09 10.05
CA GLY B 354 19.53 -7.80 9.46
C GLY B 354 18.77 -7.47 8.20
N ILE B 355 17.93 -8.37 7.69
CA ILE B 355 17.09 -8.02 6.55
C ILE B 355 15.98 -7.09 7.04
N LYS B 356 15.52 -6.21 6.13
CA LYS B 356 14.56 -5.17 6.47
C LYS B 356 13.25 -5.43 5.74
N PRO B 357 12.31 -6.15 6.33
CA PRO B 357 10.99 -6.30 5.70
C PRO B 357 10.29 -4.96 5.60
N THR B 358 9.63 -4.74 4.46
CA THR B 358 8.92 -3.49 4.22
C THR B 358 7.46 -3.75 3.90
N SER B 359 6.65 -2.71 4.06
CA SER B 359 5.23 -2.81 3.77
C SER B 359 5.02 -3.06 2.28
N PRO B 360 4.29 -4.12 1.90
CA PRO B 360 4.17 -4.46 0.48
C PRO B 360 3.48 -3.35 -0.31
N THR B 361 3.91 -3.20 -1.56
CA THR B 361 3.39 -2.18 -2.46
C THR B 361 2.33 -2.70 -3.43
N CYS B 362 2.15 -4.01 -3.52
CA CYS B 362 1.03 -4.60 -4.23
C CYS B 362 0.56 -5.83 -3.46
N GLY B 363 -0.58 -6.37 -3.88
CA GLY B 363 -1.15 -7.51 -3.20
C GLY B 363 -0.26 -8.74 -3.32
N ILE B 364 -0.38 -9.63 -2.33
CA ILE B 364 0.35 -10.89 -2.31
C ILE B 364 -0.63 -12.01 -2.01
N PHE B 365 -0.63 -13.02 -2.85
CA PHE B 365 -1.26 -14.30 -2.51
C PHE B 365 -0.14 -15.19 -1.97
N SER B 366 -0.01 -15.21 -0.65
CA SER B 366 1.13 -15.87 0.01
C SER B 366 0.88 -17.37 0.08
N THR B 367 1.57 -18.12 -0.77
CA THR B 367 1.50 -19.59 -0.70
C THR B 367 2.27 -20.15 0.49
N VAL B 368 3.04 -19.32 1.20
CA VAL B 368 3.59 -19.74 2.48
C VAL B 368 2.50 -19.73 3.55
N HIS B 369 1.77 -18.63 3.65
CA HIS B 369 0.66 -18.50 4.60
C HIS B 369 -0.64 -19.06 4.02
N GLU B 370 -0.55 -20.30 3.52
CA GLU B 370 -1.70 -21.12 3.15
C GLU B 370 -2.53 -20.52 2.02
N GLY B 371 -1.96 -19.64 1.21
CA GLY B 371 -2.67 -19.09 0.07
C GLY B 371 -3.42 -17.81 0.35
N ARG B 372 -3.35 -17.29 1.58
CA ARG B 372 -4.09 -16.09 1.94
C ARG B 372 -3.65 -14.89 1.12
N TYR B 373 -4.59 -13.99 0.85
CA TYR B 373 -4.30 -12.72 0.21
C TYR B 373 -3.93 -11.70 1.27
N ILE B 374 -2.82 -11.00 1.05
CA ILE B 374 -2.36 -9.92 1.93
C ILE B 374 -2.52 -8.62 1.16
N LYS B 375 -3.29 -7.69 1.75
CA LYS B 375 -3.52 -6.41 1.10
C LYS B 375 -2.25 -5.57 1.15
N PRO B 376 -2.03 -4.71 0.14
CA PRO B 376 -0.87 -3.83 0.17
C PRO B 376 -0.96 -2.83 1.31
N GLY B 377 0.19 -2.28 1.67
CA GLY B 377 0.27 -1.24 2.69
C GLY B 377 0.11 -1.71 4.12
N GLY B 378 0.00 -3.01 4.37
CA GLY B 378 -0.10 -3.51 5.71
C GLY B 378 1.26 -3.65 6.38
N GLU B 379 1.27 -4.37 7.49
CA GLU B 379 2.52 -4.67 8.17
C GLU B 379 3.39 -5.57 7.28
N PRO B 380 4.71 -5.42 7.34
CA PRO B 380 5.58 -6.28 6.53
C PRO B 380 5.42 -7.75 6.93
N ILE B 381 5.60 -8.64 5.97
CA ILE B 381 5.44 -10.07 6.20
C ILE B 381 6.72 -10.86 5.93
N HIS B 382 7.67 -10.34 5.19
CA HIS B 382 8.84 -11.12 4.77
C HIS B 382 9.95 -11.08 5.82
N ASP B 383 9.62 -11.40 7.07
CA ASP B 383 10.61 -11.45 8.12
C ASP B 383 11.34 -12.80 8.09
N VAL B 384 12.27 -12.98 9.03
CA VAL B 384 13.08 -14.20 9.07
C VAL B 384 12.20 -15.44 9.23
N GLU B 385 11.16 -15.35 10.05
CA GLU B 385 10.30 -16.51 10.25
C GLU B 385 9.51 -16.85 8.99
N TYR B 386 9.26 -15.87 8.13
CA TYR B 386 8.58 -16.16 6.87
C TYR B 386 9.43 -17.08 6.01
N TRP B 387 10.73 -16.80 5.90
CA TRP B 387 11.60 -17.62 5.06
C TRP B 387 11.84 -18.99 5.67
N LYS B 388 11.88 -19.09 7.00
CA LYS B 388 11.97 -20.40 7.63
C LYS B 388 10.72 -21.22 7.37
N LYS B 389 9.55 -20.61 7.55
CA LYS B 389 8.29 -21.31 7.31
C LYS B 389 8.18 -21.76 5.85
N GLY B 390 8.53 -20.88 4.91
CA GLY B 390 8.39 -21.22 3.51
C GLY B 390 9.26 -22.40 3.10
N LEU B 391 10.50 -22.43 3.58
CA LEU B 391 11.38 -23.55 3.27
C LEU B 391 10.90 -24.83 3.91
N ARG B 392 10.37 -24.75 5.13
CA ARG B 392 10.05 -25.93 5.92
C ARG B 392 8.71 -26.54 5.53
N HIS B 393 7.73 -25.72 5.18
CA HIS B 393 6.35 -26.18 5.05
C HIS B 393 5.87 -26.16 3.61
N SER B 394 4.72 -26.80 3.39
CA SER B 394 4.17 -27.01 2.07
C SER B 394 3.87 -25.68 1.38
N VAL B 395 3.80 -25.73 0.06
CA VAL B 395 3.50 -24.56 -0.77
C VAL B 395 2.05 -24.68 -1.23
N TYR B 396 1.21 -23.77 -0.76
CA TYR B 396 -0.22 -23.80 -1.10
C TYR B 396 -0.46 -22.97 -2.35
N PHE B 397 0.05 -23.48 -3.47
CA PHE B 397 0.02 -22.72 -4.71
C PHE B 397 -1.39 -22.69 -5.30
N THR B 398 -2.04 -23.85 -5.42
CA THR B 398 -3.37 -23.88 -6.00
C THR B 398 -4.37 -23.09 -5.15
N HIS B 399 -4.16 -23.04 -3.83
CA HIS B 399 -5.03 -22.24 -2.97
C HIS B 399 -4.85 -20.76 -3.22
N GLY B 400 -3.60 -20.32 -3.46
CA GLY B 400 -3.38 -18.93 -3.79
C GLY B 400 -4.00 -18.54 -5.13
N ILE B 401 -3.83 -19.39 -6.15
CA ILE B 401 -4.43 -19.13 -7.45
C ILE B 401 -5.95 -19.07 -7.33
N ARG B 402 -6.53 -19.96 -6.53
N ARG B 402 -6.52 -19.98 -6.55
CA ARG B 402 -7.98 -19.96 -6.36
CA ARG B 402 -7.96 -19.99 -6.33
C ARG B 402 -8.46 -18.69 -5.66
C ARG B 402 -8.42 -18.68 -5.69
N ASN B 403 -7.73 -18.24 -4.64
CA ASN B 403 -8.04 -16.96 -4.02
C ASN B 403 -7.92 -15.81 -5.02
N ALA B 404 -6.95 -15.91 -5.94
CA ALA B 404 -6.81 -14.87 -6.96
C ALA B 404 -8.03 -14.83 -7.88
N VAL B 405 -8.46 -15.99 -8.38
CA VAL B 405 -9.64 -16.05 -9.22
C VAL B 405 -10.86 -15.50 -8.49
N ASP B 406 -11.05 -15.94 -7.24
CA ASP B 406 -12.22 -15.53 -6.46
C ASP B 406 -12.26 -14.04 -6.17
N SER B 407 -11.11 -13.37 -6.18
CA SER B 407 -11.07 -11.92 -5.96
C SER B 407 -11.04 -11.14 -7.27
N GLY B 408 -11.32 -11.80 -8.40
CA GLY B 408 -11.51 -11.11 -9.66
C GLY B 408 -10.34 -11.12 -10.63
N HIS B 409 -9.21 -11.71 -10.27
CA HIS B 409 -8.07 -11.75 -11.18
C HIS B 409 -8.28 -12.77 -12.27
N THR B 410 -7.96 -12.38 -13.51
CA THR B 410 -8.01 -13.30 -14.65
C THR B 410 -6.72 -13.34 -15.46
N THR B 411 -5.82 -12.37 -15.30
CA THR B 411 -4.55 -12.36 -16.03
C THR B 411 -3.44 -12.86 -15.11
N PHE B 412 -2.75 -13.91 -15.55
CA PHE B 412 -1.64 -14.50 -14.80
C PHE B 412 -0.42 -14.54 -15.70
N LEU B 413 0.65 -13.87 -15.27
CA LEU B 413 1.87 -13.75 -16.04
C LEU B 413 3.01 -14.36 -15.25
N GLU B 414 3.68 -15.36 -15.82
CA GLU B 414 4.77 -16.03 -15.13
C GLU B 414 6.11 -15.54 -15.63
N LEU B 415 6.97 -15.10 -14.71
CA LEU B 415 8.36 -14.81 -14.97
C LEU B 415 9.16 -16.08 -14.72
N ALA B 416 9.65 -16.71 -15.79
CA ALA B 416 10.35 -17.97 -15.64
C ALA B 416 11.19 -18.22 -16.88
N PRO B 417 12.25 -19.03 -16.78
CA PRO B 417 12.93 -19.51 -17.99
C PRO B 417 12.13 -20.56 -18.74
N ASN B 418 11.06 -21.07 -18.14
CA ASN B 418 10.19 -22.09 -18.72
C ASN B 418 8.87 -22.07 -17.95
N PRO B 419 7.73 -21.93 -18.64
CA PRO B 419 6.44 -21.69 -17.97
C PRO B 419 5.75 -22.93 -17.41
N VAL B 420 6.48 -23.70 -16.61
CA VAL B 420 5.93 -24.92 -16.02
C VAL B 420 4.81 -24.58 -15.05
N ALA B 421 5.00 -23.57 -14.19
CA ALA B 421 3.96 -23.23 -13.23
C ALA B 421 2.73 -22.62 -13.90
N LEU B 422 2.89 -21.94 -15.02
CA LEU B 422 1.73 -21.38 -15.71
C LEU B 422 0.81 -22.47 -16.22
N MET B 423 1.39 -23.60 -16.63
CA MET B 423 0.59 -24.78 -16.96
C MET B 423 -0.26 -25.22 -15.77
N GLN B 424 0.30 -25.11 -14.55
CA GLN B 424 -0.44 -25.46 -13.35
C GLN B 424 -1.53 -24.43 -13.07
N VAL B 425 -1.23 -23.15 -13.28
CA VAL B 425 -2.25 -22.11 -13.12
C VAL B 425 -3.43 -22.37 -14.05
N ALA B 426 -3.15 -22.84 -15.27
CA ALA B 426 -4.23 -23.12 -16.22
C ALA B 426 -5.18 -24.18 -15.67
N LEU B 427 -4.64 -25.18 -14.95
CA LEU B 427 -5.48 -26.24 -14.39
C LEU B 427 -6.34 -25.71 -13.25
N THR B 428 -5.79 -24.86 -12.40
CA THR B 428 -6.58 -24.32 -11.28
C THR B 428 -7.65 -23.36 -11.77
N THR B 429 -7.32 -22.51 -12.75
CA THR B 429 -8.31 -21.55 -13.23
C THR B 429 -9.50 -22.25 -13.86
N ALA B 430 -9.24 -23.25 -14.70
CA ALA B 430 -10.34 -24.00 -15.31
C ALA B 430 -11.15 -24.73 -14.25
N ASP B 431 -10.47 -25.34 -13.27
CA ASP B 431 -11.18 -26.03 -12.19
C ASP B 431 -12.04 -25.07 -11.38
N ALA B 432 -11.63 -23.80 -11.27
CA ALA B 432 -12.40 -22.81 -10.55
C ALA B 432 -13.56 -22.23 -11.37
N GLY B 433 -13.71 -22.65 -12.63
CA GLY B 433 -14.74 -22.12 -13.49
C GLY B 433 -14.31 -20.96 -14.37
N LEU B 434 -13.04 -20.59 -14.36
CA LEU B 434 -12.51 -19.52 -15.20
C LEU B 434 -11.90 -20.18 -16.44
N HIS B 435 -12.67 -20.22 -17.53
CA HIS B 435 -12.26 -20.95 -18.72
C HIS B 435 -11.57 -20.10 -19.76
N ASP B 436 -11.51 -18.78 -19.57
CA ASP B 436 -10.88 -17.88 -20.53
C ASP B 436 -9.85 -16.98 -19.85
N ALA B 437 -9.07 -17.55 -18.93
CA ALA B 437 -8.02 -16.78 -18.27
C ALA B 437 -6.99 -16.29 -19.27
N GLN B 438 -6.39 -15.14 -18.97
CA GLN B 438 -5.26 -14.64 -19.75
C GLN B 438 -3.99 -15.22 -19.11
N LEU B 439 -3.41 -16.22 -19.75
CA LEU B 439 -2.22 -16.90 -19.25
C LEU B 439 -1.03 -16.45 -20.10
N ILE B 440 -0.16 -15.65 -19.52
CA ILE B 440 0.92 -15.02 -20.28
C ILE B 440 2.27 -15.56 -19.81
N PRO B 441 2.92 -16.44 -20.57
CA PRO B 441 4.27 -16.87 -20.22
C PRO B 441 5.30 -15.83 -20.66
N THR B 442 6.52 -16.03 -20.18
CA THR B 442 7.67 -15.28 -20.70
C THR B 442 8.56 -16.22 -21.49
N LEU B 443 9.72 -16.58 -20.95
CA LEU B 443 10.67 -17.40 -21.69
C LEU B 443 10.23 -18.86 -21.68
N ALA B 444 10.60 -19.58 -22.75
CA ALA B 444 10.31 -21.01 -22.86
C ALA B 444 11.51 -21.70 -23.51
N ARG B 445 11.80 -22.90 -23.03
CA ARG B 445 12.88 -23.70 -23.60
C ARG B 445 12.59 -24.00 -25.06
N LYS B 446 13.62 -23.88 -25.90
CA LYS B 446 13.50 -24.13 -27.35
C LYS B 446 12.55 -23.14 -28.03
N GLN B 447 12.41 -21.93 -27.47
CA GLN B 447 11.74 -20.84 -28.15
C GLN B 447 12.65 -19.61 -28.10
N ASP B 448 12.68 -18.86 -29.19
CA ASP B 448 13.48 -17.65 -29.24
C ASP B 448 13.07 -16.69 -28.12
N GLU B 449 14.02 -16.34 -27.27
CA GLU B 449 13.70 -15.59 -26.06
C GLU B 449 13.31 -14.15 -26.37
N VAL B 450 13.86 -13.57 -27.43
CA VAL B 450 13.49 -12.20 -27.79
C VAL B 450 12.04 -12.14 -28.27
N SER B 451 11.67 -13.04 -29.18
CA SER B 451 10.31 -13.05 -29.69
C SER B 451 9.31 -13.52 -28.64
N SER B 452 9.75 -14.33 -27.67
CA SER B 452 8.86 -14.68 -26.56
C SER B 452 8.46 -13.45 -25.75
N MET B 453 9.42 -12.57 -25.47
CA MET B 453 9.11 -11.37 -24.71
C MET B 453 8.27 -10.38 -25.53
N VAL B 454 8.38 -10.42 -26.86
CA VAL B 454 7.51 -9.59 -27.69
C VAL B 454 6.06 -10.02 -27.52
N SER B 455 5.81 -11.33 -27.57
CA SER B 455 4.45 -11.84 -27.38
C SER B 455 3.92 -11.54 -25.99
N THR B 456 4.78 -11.71 -24.98
CA THR B 456 4.40 -11.38 -23.60
C THR B 456 3.86 -9.97 -23.50
N MET B 457 4.60 -9.01 -24.06
CA MET B 457 4.18 -7.62 -23.97
C MET B 457 3.03 -7.32 -24.91
N ALA B 458 2.94 -8.03 -26.03
CA ALA B 458 1.77 -7.88 -26.90
C ALA B 458 0.51 -8.32 -26.18
N GLN B 459 0.58 -9.40 -25.39
CA GLN B 459 -0.59 -9.85 -24.65
C GLN B 459 -1.00 -8.84 -23.60
N LEU B 460 -0.02 -8.31 -22.84
CA LEU B 460 -0.32 -7.28 -21.86
C LEU B 460 -1.04 -6.09 -22.49
N TYR B 461 -0.52 -5.60 -23.62
CA TYR B 461 -1.14 -4.47 -24.30
C TYR B 461 -2.58 -4.79 -24.70
N VAL B 462 -2.81 -5.95 -25.32
CA VAL B 462 -4.12 -6.27 -25.88
C VAL B 462 -5.20 -6.24 -24.79
N TYR B 463 -4.90 -6.83 -23.63
CA TYR B 463 -5.90 -6.93 -22.57
C TYR B 463 -6.05 -5.63 -21.79
N GLY B 464 -5.38 -4.56 -22.20
CA GLY B 464 -5.54 -3.27 -21.56
C GLY B 464 -4.73 -3.06 -20.30
N HIS B 465 -3.79 -3.95 -19.99
CA HIS B 465 -2.91 -3.76 -18.85
C HIS B 465 -1.86 -2.70 -19.18
N ASP B 466 -1.27 -2.13 -18.13
CA ASP B 466 -0.21 -1.14 -18.29
C ASP B 466 0.91 -1.72 -19.13
N LEU B 467 1.16 -1.09 -20.28
N LEU B 467 1.19 -1.07 -20.26
CA LEU B 467 2.28 -1.39 -21.16
CA LEU B 467 2.24 -1.44 -21.21
C LEU B 467 2.31 -0.37 -22.28
C LEU B 467 2.31 -0.40 -22.32
N ASP B 468 3.44 0.32 -22.43
CA ASP B 468 3.59 1.33 -23.48
C ASP B 468 4.12 0.64 -24.73
N ILE B 469 3.22 0.34 -25.67
CA ILE B 469 3.61 -0.42 -26.85
C ILE B 469 4.51 0.40 -27.78
N ARG B 470 4.56 1.73 -27.61
CA ARG B 470 5.51 2.52 -28.38
C ARG B 470 6.95 2.15 -28.04
N THR B 471 7.21 1.68 -26.82
CA THR B 471 8.56 1.28 -26.43
C THR B 471 8.98 -0.03 -27.06
N LEU B 472 8.09 -0.72 -27.78
CA LEU B 472 8.51 -1.93 -28.50
C LEU B 472 9.21 -1.61 -29.81
N PHE B 473 9.36 -0.32 -30.15
CA PHE B 473 10.02 0.12 -31.37
C PHE B 473 11.04 1.20 -31.00
N SER B 474 12.16 1.22 -31.71
CA SER B 474 13.12 2.30 -31.53
C SER B 474 12.50 3.62 -31.99
N ARG B 475 12.95 4.71 -31.35
N ARG B 475 12.95 4.70 -31.36
CA ARG B 475 12.47 6.03 -31.73
CA ARG B 475 12.52 6.04 -31.72
C ARG B 475 12.81 6.30 -33.19
C ARG B 475 12.82 6.30 -33.20
N ALA B 476 11.86 6.92 -33.90
CA ALA B 476 12.07 7.22 -35.31
C ALA B 476 13.21 8.22 -35.49
N SER B 477 14.06 7.97 -36.48
CA SER B 477 15.15 8.89 -36.80
C SER B 477 14.94 9.62 -38.12
N GLY B 478 13.82 9.36 -38.79
CA GLY B 478 13.48 9.99 -40.05
C GLY B 478 12.15 9.48 -40.54
N PRO B 479 11.60 10.11 -41.59
CA PRO B 479 10.29 9.66 -42.11
C PRO B 479 10.31 8.23 -42.60
N GLN B 480 11.47 7.72 -43.00
CA GLN B 480 11.57 6.34 -43.46
C GLN B 480 11.19 5.33 -42.37
N ASP B 481 11.20 5.75 -41.10
CA ASP B 481 10.85 4.84 -40.01
C ASP B 481 9.34 4.76 -39.76
N TYR B 482 8.54 5.55 -40.49
CA TYR B 482 7.09 5.53 -40.37
C TYR B 482 6.49 5.11 -41.71
N ALA B 483 5.85 3.95 -41.74
CA ALA B 483 5.05 3.59 -42.90
C ALA B 483 3.87 4.54 -43.01
N ASN B 484 3.49 4.85 -44.25
CA ASN B 484 2.39 5.77 -44.51
C ASN B 484 1.07 4.98 -44.52
N ILE B 485 0.70 4.50 -43.34
CA ILE B 485 -0.52 3.70 -43.21
C ILE B 485 -1.73 4.61 -43.36
N PRO B 486 -2.84 4.14 -43.94
CA PRO B 486 -3.97 5.04 -44.16
C PRO B 486 -4.71 5.31 -42.86
N PRO B 487 -5.31 6.50 -42.71
CA PRO B 487 -6.15 6.76 -41.53
C PRO B 487 -7.32 5.78 -41.47
N THR B 488 -7.75 5.49 -40.25
CA THR B 488 -8.70 4.40 -40.01
C THR B 488 -10.15 4.86 -39.90
N ARG B 489 -10.43 5.99 -39.26
N ARG B 489 -10.41 6.02 -39.30
CA ARG B 489 -11.80 6.51 -39.18
CA ARG B 489 -11.76 6.57 -39.14
C ARG B 489 -11.86 7.78 -40.00
C ARG B 489 -11.85 7.82 -40.01
N PHE B 490 -12.52 7.69 -41.15
CA PHE B 490 -12.57 8.76 -42.14
C PHE B 490 -13.96 9.32 -42.39
N LYS B 491 -15.00 8.70 -41.81
CA LYS B 491 -16.37 9.13 -42.05
C LYS B 491 -17.16 9.16 -40.74
N ASN C 2 -0.73 -34.17 -23.20
CA ASN C 2 0.53 -33.48 -22.93
C ASN C 2 0.51 -32.09 -23.55
N ALA C 3 0.63 -31.06 -22.72
CA ALA C 3 0.49 -29.68 -23.15
C ALA C 3 1.85 -29.03 -23.35
N ARG C 4 1.85 -27.96 -24.15
CA ARG C 4 3.07 -27.27 -24.54
C ARG C 4 2.74 -25.82 -24.88
N PHE C 5 3.78 -24.99 -24.97
CA PHE C 5 3.66 -23.59 -25.36
C PHE C 5 4.27 -23.38 -26.73
N ASP C 6 3.54 -22.71 -27.61
CA ASP C 6 4.08 -22.42 -28.94
C ASP C 6 4.95 -21.17 -28.88
N GLU C 7 5.45 -20.71 -30.02
CA GLU C 7 6.34 -19.56 -30.03
C GLU C 7 5.66 -18.26 -29.61
N PHE C 8 4.33 -18.21 -29.64
CA PHE C 8 3.59 -17.02 -29.28
C PHE C 8 3.08 -17.04 -27.84
N GLY C 9 3.28 -18.14 -27.13
CA GLY C 9 2.81 -18.25 -25.76
C GLY C 9 1.44 -18.88 -25.62
N ASN C 10 0.89 -19.44 -26.68
CA ASN C 10 -0.36 -20.19 -26.58
C ASN C 10 -0.10 -21.56 -25.96
N ILE C 11 -1.07 -22.05 -25.20
CA ILE C 11 -1.03 -23.40 -24.65
C ILE C 11 -1.62 -24.36 -25.68
N ILE C 12 -0.82 -25.33 -26.11
CA ILE C 12 -1.23 -26.31 -27.11
C ILE C 12 -1.43 -27.64 -26.40
N THR C 13 -2.58 -28.26 -26.63
CA THR C 13 -2.91 -29.54 -26.01
C THR C 13 -2.23 -30.69 -26.76
S DMS D . -6.89 17.67 3.54
O DMS D . -8.15 17.24 4.24
C1 DMS D . -6.95 19.46 3.24
C2 DMS D . -6.92 17.04 1.84
S SO4 E . -13.17 24.97 4.68
O1 SO4 E . -12.95 24.68 3.27
O2 SO4 E . -12.83 23.78 5.45
O3 SO4 E . -12.32 26.10 5.07
O4 SO4 E . -14.57 25.31 4.91
S SO4 F . 5.36 2.31 49.95
O1 SO4 F . 4.42 3.23 50.56
O2 SO4 F . 6.36 3.06 49.20
O3 SO4 F . 6.01 1.51 50.99
O4 SO4 F . 4.65 1.42 49.04
S SO4 G . -8.32 -9.31 34.02
O1 SO4 G . -9.53 -9.18 33.23
O2 SO4 G . -7.65 -8.02 34.09
O3 SO4 G . -8.67 -9.75 35.38
O4 SO4 G . -7.42 -10.28 33.40
S SO4 H . -14.39 32.63 26.90
O1 SO4 H . -14.56 31.74 28.05
O2 SO4 H . -15.49 33.59 26.86
O3 SO4 H . -13.12 33.35 27.03
O4 SO4 H . -14.39 31.84 25.68
S SO4 I . -17.57 37.29 24.96
O1 SO4 I . -18.69 38.18 25.22
O2 SO4 I . -17.23 37.33 23.54
O3 SO4 I . -16.40 37.72 25.74
O4 SO4 I . -17.94 35.93 25.35
S SO4 J . 6.01 -4.01 43.12
O1 SO4 J . 5.99 -5.36 42.58
O2 SO4 J . 5.14 -3.94 44.28
O3 SO4 J . 7.37 -3.67 43.51
O4 SO4 J . 5.54 -3.07 42.09
C48 PE5 K . -15.78 13.35 0.32
C50 PE5 K . -16.10 13.63 1.77
O1 PE5 K . -15.43 14.81 2.19
C1 PE5 K . -15.77 15.93 1.41
C2 PE5 K . -15.46 17.19 2.17
O2 PE5 K . -16.58 17.57 2.93
C3 PE5 K . -17.18 18.76 2.47
C4 PE5 K . -16.45 19.95 3.01
O3 PE5 K . -17.04 20.43 4.19
C5 PE5 K . -16.76 21.80 4.41
C6 PE5 K . -17.26 22.59 3.23
O4 PE5 K . -16.36 23.60 2.90
C7 PE5 K . -15.65 23.34 1.72
C8 PE5 K . -16.57 23.54 0.55
O5 PE5 K . -17.24 24.75 0.75
C9 PE5 K . -18.24 24.95 -0.21
C10 PE5 K . -17.99 26.28 -0.84
O6 PE5 K . -19.11 27.07 -0.66
C11 PE5 K . -19.63 27.49 -1.88
C12 PE5 K . -20.37 28.78 -1.70
O7 PE5 K . -20.78 29.27 -2.95
C13 PE5 K . -20.82 30.67 -2.95
C14 PE5 K . -21.31 31.20 -4.27
O8 PE5 K . -22.04 32.38 -4.07
C15 PE5 K . -23.07 32.22 -3.12
C16 PE5 K . -24.10 33.31 -3.22
O52 PE5 K . -25.27 32.91 -2.53
C1 EDO L . -19.60 5.88 9.57
O1 EDO L . -20.76 5.31 8.93
C2 EDO L . -19.71 5.71 11.08
O2 EDO L . -19.44 6.96 11.73
C1 EDO M . -17.16 5.38 16.38
O1 EDO M . -17.48 5.33 17.78
C2 EDO M . -16.91 6.83 15.98
O2 EDO M . -15.64 7.25 16.47
C1 EDO N . -21.41 4.21 22.02
O1 EDO N . -22.44 4.70 21.14
C2 EDO N . -20.60 3.12 21.34
O2 EDO N . -19.62 2.62 22.25
C1 EDO O . -23.26 17.79 -0.33
O1 EDO O . -22.57 17.76 0.93
C2 EDO O . -22.32 18.27 -1.43
O2 EDO O . -23.09 18.84 -2.50
C1 PEG P . -30.09 22.03 10.17
O1 PEG P . -30.29 20.70 10.64
C2 PEG P . -29.21 22.05 8.96
O2 PEG P . -29.22 23.36 8.39
C3 PEG P . -28.49 23.44 7.17
C4 PEG P . -28.92 22.35 6.24
O4 PEG P . -29.53 22.87 5.07
C1 EDO Q . -29.06 16.92 29.60
O1 EDO Q . -27.94 16.02 29.50
C2 EDO Q . -28.61 18.23 30.24
O2 EDO Q . -29.68 19.19 30.17
C1 EDO R . -30.01 6.43 17.53
O1 EDO R . -29.92 7.52 16.59
C2 EDO R . -29.68 6.94 18.94
O2 EDO R . -30.51 8.07 19.27
S DMS S . 21.31 4.07 31.69
O DMS S . 20.89 4.32 33.11
C1 DMS S . 21.92 2.36 31.52
C2 DMS S . 19.85 3.98 30.63
C1 PEG T . -3.50 6.27 49.50
O1 PEG T . -3.57 7.16 50.60
C2 PEG T . -3.98 4.90 49.87
O2 PEG T . -2.87 4.08 50.22
C3 PEG T . -3.23 2.73 50.47
C4 PEG T . -2.33 2.15 51.53
O4 PEG T . -2.92 2.25 52.81
S DMS U . 12.41 -3.82 18.68
O DMS U . 12.36 -2.47 18.00
C1 DMS U . 10.88 -4.72 18.35
C2 DMS U . 13.61 -4.88 17.82
C1 EDO V . -10.37 -9.32 38.58
O1 EDO V . -9.07 -8.74 38.68
C2 EDO V . -10.42 -10.59 39.44
O2 EDO V . -11.74 -11.15 39.39
C1 EDO W . -12.05 8.81 34.23
O1 EDO W . -11.35 9.75 33.40
C2 EDO W . -11.63 9.01 35.68
O2 EDO W . -12.14 10.25 36.18
C1 PEG X . -18.91 24.41 31.35
O1 PEG X . -18.96 25.15 30.15
C2 PEG X . -18.40 23.03 31.13
O2 PEG X . -18.14 22.41 32.37
C3 PEG X . -17.23 21.31 32.28
C4 PEG X . -17.13 20.63 33.61
O4 PEG X . -17.97 19.48 33.68
C1 PEG Y . 9.23 12.02 30.07
O1 PEG Y . 9.59 11.96 28.70
C2 PEG Y . 9.93 13.11 30.81
O2 PEG Y . 9.20 13.46 31.97
C3 PEG Y . 9.93 14.33 32.84
C4 PEG Y . 9.87 15.72 32.32
O4 PEG Y . 8.54 16.22 32.31
C1 PEG Z . 7.15 20.18 26.82
C1 PEG Z . 5.58 20.41 27.91
O1 PEG Z . 8.14 21.18 27.05
O1 PEG Z . 6.54 19.96 26.97
C2 PEG Z . 5.99 20.32 27.75
C2 PEG Z . 4.36 20.95 27.22
O2 PEG Z . 4.99 21.15 27.16
O2 PEG Z . 3.19 20.29 27.69
C3 PEG Z . 3.67 20.73 27.48
C3 PEG Z . 2.01 21.00 27.34
C4 PEG Z . 2.82 21.93 27.77
C4 PEG Z . 0.78 20.22 27.71
O4 PEG Z . 2.48 22.64 26.59
O4 PEG Z . 0.64 19.00 27.01
C1 GOL AA . -7.00 27.11 25.53
O1 GOL AA . -5.76 27.63 25.21
C2 GOL AA . -7.74 28.18 26.36
O2 GOL AA . -7.85 29.39 25.68
C3 GOL AA . -9.12 27.56 26.63
O3 GOL AA . -9.90 28.58 27.18
C1 PEG BA . 7.60 20.66 -12.25
O1 PEG BA . 8.68 20.55 -11.34
C2 PEG BA . 7.19 19.32 -12.77
O2 PEG BA . 5.91 19.43 -13.38
C3 PEG BA . 5.52 18.24 -14.07
C4 PEG BA . 4.84 17.32 -13.11
O4 PEG BA . 5.26 15.98 -13.28
C1 EDO CA . 14.83 19.20 11.66
O1 EDO CA . 15.19 18.15 12.55
C2 EDO CA . 14.28 20.37 12.45
O2 EDO CA . 15.29 20.92 13.30
C1 PEG DA . 9.84 29.10 19.26
O1 PEG DA . 9.82 27.86 19.97
C2 PEG DA . 8.89 29.07 18.10
O2 PEG DA . 9.09 30.22 17.29
C3 PEG DA . 8.68 30.03 15.94
C4 PEG DA . 9.44 30.97 15.05
O4 PEG DA . 9.49 30.49 13.71
C1 EDO EA . 3.96 30.10 -2.43
O1 EDO EA . 3.03 30.50 -3.43
C2 EDO EA . 4.29 28.62 -2.60
O2 EDO EA . 5.34 28.26 -1.70
CL CL FA . -13.64 11.31 40.70
CL CL GA . 7.53 7.02 43.69
CL CL HA . 0.91 11.99 47.51
NA NA IA . 4.13 22.19 -2.05
S SO4 JA . 12.39 -25.00 -3.75
O1 SO4 JA . 11.53 -24.28 -2.81
O2 SO4 JA . 12.20 -24.47 -5.10
O3 SO4 JA . 13.78 -24.81 -3.35
O4 SO4 JA . 12.03 -26.41 -3.78
S SO4 KA . 9.61 -28.87 -21.53
O1 SO4 KA . 8.19 -28.74 -21.20
O2 SO4 KA . 9.78 -28.70 -22.97
O3 SO4 KA . 10.37 -27.83 -20.83
O4 SO4 KA . 10.09 -30.18 -21.13
S SO4 LA . -12.37 4.81 -32.98
O1 SO4 LA . -11.33 4.83 -31.96
O2 SO4 LA . -13.21 3.63 -32.77
O3 SO4 LA . -13.19 6.01 -32.85
O4 SO4 LA . -11.79 4.77 -34.31
S SO4 MA . -4.70 9.05 -33.85
O1 SO4 MA . -4.91 10.22 -33.00
O2 SO4 MA . -5.21 9.34 -35.18
O3 SO4 MA . -3.29 8.74 -33.90
O4 SO4 MA . -5.43 7.91 -33.29
O22 P33 NA . 21.25 -31.07 6.22
C21 P33 NA . 20.20 -31.91 5.79
C20 P33 NA . 19.14 -31.14 5.04
O19 P33 NA . 19.63 -30.69 3.78
C18 P33 NA . 18.92 -31.20 2.69
C17 P33 NA . 18.72 -30.12 1.67
O16 P33 NA . 18.11 -30.63 0.51
C15 P33 NA . 17.69 -29.62 -0.36
C14 P33 NA . 16.90 -30.20 -1.51
O13 P33 NA . 16.40 -29.17 -2.32
C12 P33 NA . 15.52 -29.63 -3.30
C11 P33 NA . 14.90 -28.46 -4.04
O10 P33 NA . 15.88 -27.76 -4.76
C9 P33 NA . 15.33 -26.76 -5.58
C8 P33 NA . 16.11 -26.65 -6.86
O7 P33 NA . 15.61 -27.54 -7.83
C6 P33 NA . 16.12 -28.84 -7.69
C5 P33 NA . 15.81 -29.65 -8.93
O4 P33 NA . 16.62 -29.24 -9.98
C3 P33 NA . 17.98 -29.52 -9.78
C2 P33 NA . 18.80 -29.15 -10.98
O1 P33 NA . 18.74 -30.17 -11.95
C1 EDO OA . 12.88 -7.33 -31.03
O1 EDO OA . 12.15 -8.30 -31.80
C2 EDO OA . 12.12 -7.04 -29.74
O2 EDO OA . 13.00 -6.44 -28.77
S DMS PA . -12.42 -19.95 -34.39
O DMS PA . -13.64 -20.47 -35.08
C1 DMS PA . -11.10 -19.70 -35.62
C2 DMS PA . -12.71 -18.26 -33.81
C1 EDO QA . -5.96 -16.77 -27.56
O1 EDO QA . -5.53 -15.68 -28.38
C2 EDO QA . -6.39 -17.91 -28.46
O2 EDO QA . -7.19 -17.39 -29.53
S DMS RA . 13.41 -31.83 -26.56
O DMS RA . 14.89 -32.02 -26.60
C1 DMS RA . 12.71 -32.15 -28.21
C2 DMS RA . 12.64 -33.18 -25.62
S DMS SA . 18.61 -26.34 -23.77
O DMS SA . 18.49 -25.20 -22.80
C1 DMS SA . 17.82 -27.82 -23.08
C2 DMS SA . 17.54 -26.06 -25.20
C1 PEG TA . 28.39 -24.44 -5.23
O1 PEG TA . 28.37 -25.73 -5.83
C2 PEG TA . 28.13 -23.36 -6.25
O2 PEG TA . 28.94 -23.58 -7.40
C3 PEG TA . 29.36 -22.38 -8.03
C4 PEG TA . 30.47 -22.67 -8.99
O4 PEG TA . 30.06 -23.57 -10.00
C1 EDO UA . 18.31 -9.18 -31.54
O1 EDO UA . 18.48 -10.29 -32.43
C2 EDO UA . 16.83 -8.85 -31.42
O2 EDO UA . 16.64 -7.79 -30.48
S DMS VA . 1.41 -34.95 3.81
O DMS VA . 2.57 -34.19 3.26
C1 DMS VA . 1.13 -36.45 2.83
C2 DMS VA . 1.86 -35.70 5.41
S DMS WA . -8.15 -25.21 -2.44
O DMS WA . -7.35 -26.44 -2.69
C1 DMS WA . -8.84 -24.64 -4.02
C2 DMS WA . -9.67 -25.62 -1.55
C1 PEG XA . -15.30 -16.83 -12.43
O1 PEG XA . -15.77 -18.08 -12.89
C2 PEG XA . -15.11 -16.83 -10.94
O2 PEG XA . -14.72 -15.54 -10.50
C3 PEG XA . -15.67 -14.53 -10.82
C4 PEG XA . -15.31 -13.28 -10.08
O4 PEG XA . -16.35 -12.31 -10.17
C1 EDO YA . 8.87 4.50 -45.26
O1 EDO YA . 7.64 4.87 -45.89
C2 EDO YA . 9.03 2.98 -45.30
O2 EDO YA . 7.87 2.37 -44.72
C1 EDO ZA . 13.80 -2.10 -28.76
O1 EDO ZA . 13.31 -1.67 -30.04
C2 EDO ZA . 12.66 -2.72 -27.98
O2 EDO ZA . 13.18 -3.80 -27.18
C1 EDO AB . -4.78 -2.45 -15.31
O1 EDO AB . -4.11 -3.68 -15.58
C2 EDO AB . -6.24 -2.60 -15.74
O2 EDO AB . -6.81 -3.70 -15.02
C1 EDO BB . 19.75 0.42 -14.23
O1 EDO BB . 19.61 -0.18 -15.52
C2 EDO BB . 19.54 -0.65 -13.17
O2 EDO BB . 20.48 -1.72 -13.35
C1 PEG CB . 7.38 -9.82 -47.16
O1 PEG CB . 6.78 -11.12 -47.25
C2 PEG CB . 8.45 -9.76 -46.12
O2 PEG CB . 8.27 -8.61 -45.30
C3 PEG CB . 9.45 -8.21 -44.63
C4 PEG CB . 9.47 -6.72 -44.46
O4 PEG CB . 10.76 -6.25 -44.13
C1 EDO DB . 37.67 -11.56 -12.47
O1 EDO DB . 37.45 -10.93 -11.20
C2 EDO DB . 37.53 -13.07 -12.31
O2 EDO DB . 37.42 -13.70 -13.58
CL CL EB . 18.53 -28.83 -20.05
CL CL FB . 4.59 -31.29 7.58
CL CL GB . -17.02 7.34 -28.11
S SO4 HB . 5.85 -23.94 -32.24
O1 SO4 HB . 5.17 -22.65 -32.35
O2 SO4 HB . 6.80 -24.08 -33.35
O3 SO4 HB . 6.58 -23.99 -30.97
O4 SO4 HB . 4.88 -25.03 -32.30
#